data_1YTJ
# 
_entry.id   1YTJ 
# 
_audit_conform.dict_name       mmcif_pdbx.dic 
_audit_conform.dict_version    5.351 
_audit_conform.dict_location   http://mmcif.pdb.org/dictionaries/ascii/mmcif_pdbx.dic 
# 
loop_
_database_2.database_id 
_database_2.database_code 
_database_2.pdbx_database_accession 
_database_2.pdbx_DOI 
PDB   1YTJ         pdb_00001ytj 10.2210/pdb1ytj/pdb 
WWPDB D_1000177438 ?            ?                   
# 
loop_
_pdbx_database_related.db_name 
_pdbx_database_related.db_id 
_pdbx_database_related.content_type 
_pdbx_database_related.details 
PDB 1YTG unspecified . 
PDB 1YTH unspecified . 
# 
_pdbx_database_status.status_code                     REL 
_pdbx_database_status.entry_id                        1YTJ 
_pdbx_database_status.recvd_initial_deposition_date   1996-08-01 
_pdbx_database_status.deposit_site                    ? 
_pdbx_database_status.process_site                    BNL 
_pdbx_database_status.status_code_sf                  REL 
_pdbx_database_status.status_code_mr                  ? 
_pdbx_database_status.SG_entry                        ? 
_pdbx_database_status.status_code_cs                  ? 
_pdbx_database_status.pdb_format_compatible           Y 
_pdbx_database_status.status_code_nmr_data            ? 
_pdbx_database_status.methods_development_category    ? 
# 
loop_
_audit_author.name 
_audit_author.pdbx_ordinal 
'Rose, R.B.'    1 
'Craik, C.S.'   2 
'Douglas, N.L.' 3 
'Stroud, R.M.'  4 
# 
_citation.id                        primary 
_citation.title                     'Three-dimensional structures of HIV-1 and SIV protease product complexes.' 
_citation.journal_abbrev            Biochemistry 
_citation.journal_volume            35 
_citation.page_first                12933 
_citation.page_last                 12944 
_citation.year                      1996 
_citation.journal_id_ASTM           BICHAW 
_citation.country                   US 
_citation.journal_id_ISSN           0006-2960 
_citation.journal_id_CSD            0033 
_citation.book_publisher            ? 
_citation.pdbx_database_id_PubMed   8841139 
_citation.pdbx_database_id_DOI      10.1021/bi9612733 
# 
loop_
_citation_author.citation_id 
_citation_author.name 
_citation_author.ordinal 
_citation_author.identifier_ORCID 
primary 'Rose, R.B.'    1 ? 
primary 'Craik, C.S.'   2 ? 
primary 'Douglas, N.L.' 3 ? 
primary 'Stroud, R.M.'  4 ? 
# 
_cell.entry_id           1YTJ 
_cell.length_a           62.300 
_cell.length_b           32.100 
_cell.length_c           96.300 
_cell.angle_alpha        90.00 
_cell.angle_beta         90.00 
_cell.angle_gamma        90.00 
_cell.Z_PDB              8 
_cell.pdbx_unique_axis   ? 
_cell.length_a_esd       ? 
_cell.length_b_esd       ? 
_cell.length_c_esd       ? 
_cell.angle_alpha_esd    ? 
_cell.angle_beta_esd     ? 
_cell.angle_gamma_esd    ? 
# 
_symmetry.entry_id                         1YTJ 
_symmetry.space_group_name_H-M             'C 2 2 21' 
_symmetry.pdbx_full_space_group_name_H-M   ? 
_symmetry.cell_setting                     ? 
_symmetry.Int_Tables_number                20 
_symmetry.space_group_name_Hall            ? 
# 
loop_
_entity.id 
_entity.type 
_entity.src_method 
_entity.pdbx_description 
_entity.formula_weight 
_entity.pdbx_number_of_molecules 
_entity.pdbx_ec 
_entity.pdbx_mutation 
_entity.pdbx_fragment 
_entity.details 
1 polymer man 'SIV PROTEASE'    10768.428 1  3.4.23.16 'CHAIN A, S4H' ? ? 
2 polymer man 'PEPTIDE PRODUCT' 610.614   1  ?         ?              ? ? 
3 water   nat water             18.015    15 ?         ?              ? ? 
# 
_entity_name_com.entity_id   1 
_entity_name_com.name        'SIV PROTEINASE' 
# 
loop_
_entity_poly.entity_id 
_entity_poly.type 
_entity_poly.nstd_linkage 
_entity_poly.nstd_monomer 
_entity_poly.pdbx_seq_one_letter_code 
_entity_poly.pdbx_seq_one_letter_code_can 
_entity_poly.pdbx_strand_id 
_entity_poly.pdbx_target_identifier 
1 'polypeptide(L)' no no  
;PQFHLWKRPVVTAHIEGQPVEVLLDTGADDSIVTGIELGPHYTPKIVGGIGGFINTKEYKNVEVEVLGKRIKGTIMTGDT
PINIFGRNLLTALGMSLNF
;
;PQFHLWKRPVVTAHIEGQPVEVLLDTGADDSIVTGIELGPHYTPKIVGGIGGFINTKEYKNVEVEVLGKRIKGTIMTGDT
PINIFGRNLLTALGMSLNF
;
A ? 
2 'polypeptide(L)' no yes '(PPN)EA(NLE)S'                                                                                        
FEALS                                                                                                  I ? 
# 
loop_
_entity_poly_seq.entity_id 
_entity_poly_seq.num 
_entity_poly_seq.mon_id 
_entity_poly_seq.hetero 
1 1  PRO n 
1 2  GLN n 
1 3  PHE n 
1 4  HIS n 
1 5  LEU n 
1 6  TRP n 
1 7  LYS n 
1 8  ARG n 
1 9  PRO n 
1 10 VAL n 
1 11 VAL n 
1 12 THR n 
1 13 ALA n 
1 14 HIS n 
1 15 ILE n 
1 16 GLU n 
1 17 GLY n 
1 18 GLN n 
1 19 PRO n 
1 20 VAL n 
1 21 GLU n 
1 22 VAL n 
1 23 LEU n 
1 24 LEU n 
1 25 ASP n 
1 26 THR n 
1 27 GLY n 
1 28 ALA n 
1 29 ASP n 
1 30 ASP n 
1 31 SER n 
1 32 ILE n 
1 33 VAL n 
1 34 THR n 
1 35 GLY n 
1 36 ILE n 
1 37 GLU n 
1 38 LEU n 
1 39 GLY n 
1 40 PRO n 
1 41 HIS n 
1 42 TYR n 
1 43 THR n 
1 44 PRO n 
1 45 LYS n 
1 46 ILE n 
1 47 VAL n 
1 48 GLY n 
1 49 GLY n 
1 50 ILE n 
1 51 GLY n 
1 52 GLY n 
1 53 PHE n 
1 54 ILE n 
1 55 ASN n 
1 56 THR n 
1 57 LYS n 
1 58 GLU n 
1 59 TYR n 
1 60 LYS n 
1 61 ASN n 
1 62 VAL n 
1 63 GLU n 
1 64 VAL n 
1 65 GLU n 
1 66 VAL n 
1 67 LEU n 
1 68 GLY n 
1 69 LYS n 
1 70 ARG n 
1 71 ILE n 
1 72 LYS n 
1 73 GLY n 
1 74 THR n 
1 75 ILE n 
1 76 MET n 
1 77 THR n 
1 78 GLY n 
1 79 ASP n 
1 80 THR n 
1 81 PRO n 
1 82 ILE n 
1 83 ASN n 
1 84 ILE n 
1 85 PHE n 
1 86 GLY n 
1 87 ARG n 
1 88 ASN n 
1 89 LEU n 
1 90 LEU n 
1 91 THR n 
1 92 ALA n 
1 93 LEU n 
1 94 GLY n 
1 95 MET n 
1 96 SER n 
1 97 LEU n 
1 98 ASN n 
1 99 PHE n 
2 1  PPN n 
2 2  GLU n 
2 3  ALA n 
2 4  NLE n 
2 5  SER n 
# 
_entity_src_gen.entity_id                          1 
_entity_src_gen.pdbx_src_id                        1 
_entity_src_gen.pdbx_alt_source_flag               sample 
_entity_src_gen.pdbx_seq_type                      ? 
_entity_src_gen.pdbx_beg_seq_num                   ? 
_entity_src_gen.pdbx_end_seq_num                   ? 
_entity_src_gen.gene_src_common_name               ? 
_entity_src_gen.gene_src_genus                     Lentivirus 
_entity_src_gen.pdbx_gene_src_gene                 'SIV(MAC)239' 
_entity_src_gen.gene_src_species                   ? 
_entity_src_gen.gene_src_strain                    X90 
_entity_src_gen.gene_src_tissue                    ? 
_entity_src_gen.gene_src_tissue_fraction           ? 
_entity_src_gen.gene_src_details                   ? 
_entity_src_gen.pdbx_gene_src_fragment             ? 
_entity_src_gen.pdbx_gene_src_scientific_name      'Simian immunodeficiency virus' 
_entity_src_gen.pdbx_gene_src_ncbi_taxonomy_id     11723 
_entity_src_gen.pdbx_gene_src_variant              ? 
_entity_src_gen.pdbx_gene_src_cell_line            ? 
_entity_src_gen.pdbx_gene_src_atcc                 ? 
_entity_src_gen.pdbx_gene_src_organ                ? 
_entity_src_gen.pdbx_gene_src_organelle            ? 
_entity_src_gen.pdbx_gene_src_cell                 ? 
_entity_src_gen.pdbx_gene_src_cellular_location    ? 
_entity_src_gen.host_org_common_name               ? 
_entity_src_gen.pdbx_host_org_scientific_name      PTAC-TAC 
_entity_src_gen.pdbx_host_org_ncbi_taxonomy_id     ? 
_entity_src_gen.host_org_genus                     ? 
_entity_src_gen.pdbx_host_org_gene                 'SIV(MAC)239' 
_entity_src_gen.pdbx_host_org_organ                ? 
_entity_src_gen.host_org_species                   ? 
_entity_src_gen.pdbx_host_org_tissue               ? 
_entity_src_gen.pdbx_host_org_tissue_fraction      ? 
_entity_src_gen.pdbx_host_org_strain               ? 
_entity_src_gen.pdbx_host_org_variant              ? 
_entity_src_gen.pdbx_host_org_cell_line            ? 
_entity_src_gen.pdbx_host_org_atcc                 ? 
_entity_src_gen.pdbx_host_org_culture_collection   ? 
_entity_src_gen.pdbx_host_org_cell                 ? 
_entity_src_gen.pdbx_host_org_organelle            ? 
_entity_src_gen.pdbx_host_org_cellular_location    ? 
_entity_src_gen.pdbx_host_org_vector_type          ? 
_entity_src_gen.pdbx_host_org_vector               ? 
_entity_src_gen.host_org_details                   ? 
_entity_src_gen.expression_system_id               ? 
_entity_src_gen.plasmid_name                       PSOD/PR179 
_entity_src_gen.plasmid_details                    ? 
_entity_src_gen.pdbx_description                   ? 
# 
loop_
_struct_ref.id 
_struct_ref.db_name 
_struct_ref.db_code 
_struct_ref.entity_id 
_struct_ref.pdbx_db_accession 
_struct_ref.pdbx_align_begin 
_struct_ref.pdbx_seq_one_letter_code 
_struct_ref.pdbx_db_isoform 
1 UNP POL_SIVM1 1 P05896 1 
;VLELWEGRTLCKAMQSPKKTGMLEMWKNGPCYGQMPKQTGGFFRPWPLGKEAPQFPHGSSASGADANCSPRRTSCGSAKE
LHALGQAAERKQREALQGGDRGFAAPQFSLWRRPVVTAHIEGQPVEVLLDTGADDSIVTGIELGPHYTPKIVGGIGGFIN
TKEYKNVEIEVLGKRIKGTIMTGDTPINIFGRNLLTALGMSLNLPIAKVEPVKSPLKPGKDGPKLKQWPLSKEKIVALRE
ICEKMEKDGQLEEAPPTNPYNTPTFAIKKKDKNKWRMLIDFRELNRVTQDFTEVQLGIPHPAGLAKRKRITVLDIGDAYF
SIPLDEEFRQYTAFTLPSVNNAEPGKRYIYKVLPQGWKGSPAIFQYTMRHVLEPFRKANPDVTLVQYMDDILIASDRTDL
EHDRVVLQLKELLNSIGFSSPEEKFQKDPPFQWMGYELWPTKWKLQKIELPQRETWTVNDIQKLVGVLNWAAQIYPGIKT
KHLCRLIRGKMTLTEEVQWTEMAEAEYEENKIILSQEQEGCYYQESKPLEATVIKSQDNQWSYKIHQEDKILKVGKFAKI
KNTHTNGVRLLAHVIQKIGKEAIVIWGQVPKFHLPVEKDVWEQWWTDYWQVTWIPEWDFISTPPLVRLVFNLVKDPIEGE
ETYYVDGSCSKQSKEGKAGYITDRGKDKVKVLEQTTNQQAELEAFLMALTDSGPKANIIVDSQYVMGIITGCPTESESRL
VNQIIEEMIKKTEIYVAWVPAHKGIGGNQEIDHLVSQGIRQVLFLEKIEPAQEEHSKYHSNIKELVFKFGLPRLVAKQIV
DTCDKCHQKGEAIHGQVNSDLGTWQMDCTHLEGKIVIVAVHVASGFIEAEVIPQETGRQTALFLLKLASRWPITHLHTDN
GANFASQEVKMVAWWAGIEHTFGVPYNPQSQGVVEAMNHHLKNQIDRIREQANSVETIVLMAVHCMNFKRRGGIGDMTPA
ERLINMITTEQEIQFQQSKNSKFKNFRVYYREGRDQLWKGPGELLWKGEGAVILKVGTDIKVVPRRKAKIIKDYGGGKEM
DSSSHMEDTGEAREVA
;
? 
2 PDB 1YTJ      2 1YTJ   ? XEAXS ? 
# 
loop_
_struct_ref_seq.align_id 
_struct_ref_seq.ref_id 
_struct_ref_seq.pdbx_PDB_id_code 
_struct_ref_seq.pdbx_strand_id 
_struct_ref_seq.seq_align_beg 
_struct_ref_seq.pdbx_seq_align_beg_ins_code 
_struct_ref_seq.seq_align_end 
_struct_ref_seq.pdbx_seq_align_end_ins_code 
_struct_ref_seq.pdbx_db_accession 
_struct_ref_seq.db_align_beg 
_struct_ref_seq.pdbx_db_align_beg_ins_code 
_struct_ref_seq.db_align_end 
_struct_ref_seq.pdbx_db_align_end_ins_code 
_struct_ref_seq.pdbx_auth_seq_align_beg 
_struct_ref_seq.pdbx_auth_seq_align_end 
1 1 1YTJ A 1 ? 98 ? P05896 106 ? 203 ? 1   98  
2 2 1YTJ I 1 ? 5  ? 1YTJ   104 ? 108 ? 104 108 
# 
loop_
_struct_ref_seq_dif.align_id 
_struct_ref_seq_dif.pdbx_pdb_id_code 
_struct_ref_seq_dif.mon_id 
_struct_ref_seq_dif.pdbx_pdb_strand_id 
_struct_ref_seq_dif.seq_num 
_struct_ref_seq_dif.pdbx_pdb_ins_code 
_struct_ref_seq_dif.pdbx_seq_db_name 
_struct_ref_seq_dif.pdbx_seq_db_accession_code 
_struct_ref_seq_dif.db_mon_id 
_struct_ref_seq_dif.pdbx_seq_db_seq_num 
_struct_ref_seq_dif.details 
_struct_ref_seq_dif.pdbx_auth_seq_num 
_struct_ref_seq_dif.pdbx_ordinal 
1 1YTJ HIS A 4  ? UNP P05896 SER 109 'engineered mutation' 4  1 
1 1YTJ LYS A 7  ? UNP P05896 ARG 112 conflict              7  2 
1 1YTJ VAL A 64 ? UNP P05896 ILE 169 conflict              64 3 
# 
loop_
_chem_comp.id 
_chem_comp.type 
_chem_comp.mon_nstd_flag 
_chem_comp.name 
_chem_comp.pdbx_synonyms 
_chem_comp.formula 
_chem_comp.formula_weight 
ALA 'L-peptide linking' y ALANINE                 ? 'C3 H7 N O2'     89.093  
ARG 'L-peptide linking' y ARGININE                ? 'C6 H15 N4 O2 1' 175.209 
ASN 'L-peptide linking' y ASPARAGINE              ? 'C4 H8 N2 O3'    132.118 
ASP 'L-peptide linking' y 'ASPARTIC ACID'         ? 'C4 H7 N O4'     133.103 
GLN 'L-peptide linking' y GLUTAMINE               ? 'C5 H10 N2 O3'   146.144 
GLU 'L-peptide linking' y 'GLUTAMIC ACID'         ? 'C5 H9 N O4'     147.129 
GLY 'peptide linking'   y GLYCINE                 ? 'C2 H5 N O2'     75.067  
HIS 'L-peptide linking' y HISTIDINE               ? 'C6 H10 N3 O2 1' 156.162 
HOH non-polymer         . WATER                   ? 'H2 O'           18.015  
ILE 'L-peptide linking' y ISOLEUCINE              ? 'C6 H13 N O2'    131.173 
LEU 'L-peptide linking' y LEUCINE                 ? 'C6 H13 N O2'    131.173 
LYS 'L-peptide linking' y LYSINE                  ? 'C6 H15 N2 O2 1' 147.195 
MET 'L-peptide linking' y METHIONINE              ? 'C5 H11 N O2 S'  149.211 
NLE 'L-peptide linking' n NORLEUCINE              ? 'C6 H13 N O2'    131.173 
PHE 'L-peptide linking' y PHENYLALANINE           ? 'C9 H11 N O2'    165.189 
PPN 'L-peptide linking' n PARA-NITROPHENYLALANINE ? 'C9 H10 N2 O4'   210.187 
PRO 'L-peptide linking' y PROLINE                 ? 'C5 H9 N O2'     115.130 
SER 'L-peptide linking' y SERINE                  ? 'C3 H7 N O3'     105.093 
THR 'L-peptide linking' y THREONINE               ? 'C4 H9 N O3'     119.119 
TRP 'L-peptide linking' y TRYPTOPHAN              ? 'C11 H12 N2 O2'  204.225 
TYR 'L-peptide linking' y TYROSINE                ? 'C9 H11 N O3'    181.189 
VAL 'L-peptide linking' y VALINE                  ? 'C5 H11 N O2'    117.146 
# 
_exptl.entry_id          1YTJ 
_exptl.method            'X-RAY DIFFRACTION' 
_exptl.crystals_number   ? 
# 
_exptl_crystal.id                    1 
_exptl_crystal.density_meas          ? 
_exptl_crystal.density_Matthews      2.11 
_exptl_crystal.density_percent_sol   40. 
_exptl_crystal.description           ? 
_exptl_crystal.F_000                 ? 
_exptl_crystal.preparation           ? 
# 
_diffrn.id                     1 
_diffrn.ambient_temp           ? 
_diffrn.ambient_temp_details   ? 
_diffrn.crystal_id             1 
# 
_diffrn_detector.diffrn_id              1 
_diffrn_detector.detector               'IMAGE PLATE' 
_diffrn_detector.type                   MARRESEARCH 
_diffrn_detector.pdbx_collection_date   ? 
_diffrn_detector.details                ? 
# 
_diffrn_radiation.diffrn_id                        1 
_diffrn_radiation.wavelength_id                    1 
_diffrn_radiation.pdbx_monochromatic_or_laue_m_l   M 
_diffrn_radiation.monochromator                    ? 
_diffrn_radiation.pdbx_diffrn_protocol             ? 
_diffrn_radiation.pdbx_scattering_type             x-ray 
# 
_diffrn_radiation_wavelength.id           1 
_diffrn_radiation_wavelength.wavelength   1.5418 
_diffrn_radiation_wavelength.wt           1.0 
# 
_diffrn_source.diffrn_id                   1 
_diffrn_source.source                      ? 
_diffrn_source.type                        ? 
_diffrn_source.pdbx_synchrotron_site       ? 
_diffrn_source.pdbx_synchrotron_beamline   ? 
_diffrn_source.pdbx_wavelength             1.5418 
_diffrn_source.pdbx_wavelength_list        ? 
# 
_reflns.entry_id                     1YTJ 
_reflns.observed_criterion_sigma_I   2. 
_reflns.observed_criterion_sigma_F   ? 
_reflns.d_resolution_low             ? 
_reflns.d_resolution_high            ? 
_reflns.number_obs                   3500 
_reflns.number_all                   ? 
_reflns.percent_possible_obs         98. 
_reflns.pdbx_Rmerge_I_obs            0.0790000 
_reflns.pdbx_Rsym_value              ? 
_reflns.pdbx_netI_over_sigmaI        ? 
_reflns.B_iso_Wilson_estimate        ? 
_reflns.pdbx_redundancy              4. 
_reflns.R_free_details               ? 
_reflns.limit_h_max                  ? 
_reflns.limit_h_min                  ? 
_reflns.limit_k_max                  ? 
_reflns.limit_k_min                  ? 
_reflns.limit_l_max                  ? 
_reflns.limit_l_min                  ? 
_reflns.observed_criterion_F_max     ? 
_reflns.observed_criterion_F_min     ? 
_reflns.pdbx_chi_squared             ? 
_reflns.pdbx_scaling_rejects         ? 
_reflns.pdbx_ordinal                 1 
_reflns.pdbx_diffrn_id               1 
# 
_refine.entry_id                                 1YTJ 
_refine.ls_number_reflns_obs                     13000 
_refine.ls_number_reflns_all                     ? 
_refine.pdbx_ls_sigma_I                          ? 
_refine.pdbx_ls_sigma_F                          0.0 
_refine.pdbx_data_cutoff_high_absF               ? 
_refine.pdbx_data_cutoff_low_absF                ? 
_refine.pdbx_data_cutoff_high_rms_absF           ? 
_refine.ls_d_res_low                             7.0 
_refine.ls_d_res_high                            2.5 
_refine.ls_percent_reflns_obs                    ? 
_refine.ls_R_factor_obs                          0.1740000 
_refine.ls_R_factor_all                          ? 
_refine.ls_R_factor_R_work                       0.1740000 
_refine.ls_R_factor_R_free                       0.2850000 
_refine.ls_R_factor_R_free_error                 ? 
_refine.ls_R_factor_R_free_error_details         ? 
_refine.ls_percent_reflns_R_free                 ? 
_refine.ls_number_reflns_R_free                  ? 
_refine.ls_number_parameters                     ? 
_refine.ls_number_restraints                     ? 
_refine.occupancy_min                            ? 
_refine.occupancy_max                            ? 
_refine.B_iso_mean                               14. 
_refine.aniso_B[1][1]                            ? 
_refine.aniso_B[2][2]                            ? 
_refine.aniso_B[3][3]                            ? 
_refine.aniso_B[1][2]                            ? 
_refine.aniso_B[1][3]                            ? 
_refine.aniso_B[2][3]                            ? 
_refine.solvent_model_details                    ? 
_refine.solvent_model_param_ksol                 ? 
_refine.solvent_model_param_bsol                 ? 
_refine.pdbx_ls_cross_valid_method               ? 
_refine.details                                  
;DENSITY FOR NLE 107 AND SER 108 WAS NOT VISIBLE SO THE
AUTHORS ARBITRARILY CHOOSE ONE ATOM OF THE TWO TERMINAL
ATOMS TO BE O OF NLE 107 AND THE OTHER TO BE N OF SER 108.
;
_refine.pdbx_starting_model                      ? 
_refine.pdbx_method_to_determine_struct          ? 
_refine.pdbx_isotropic_thermal_model             ? 
_refine.pdbx_stereochemistry_target_values       ? 
_refine.pdbx_stereochem_target_val_spec_case     ? 
_refine.pdbx_R_Free_selection_details            ? 
_refine.pdbx_overall_ESU_R_Free                  ? 
_refine.overall_SU_ML                            ? 
_refine.overall_SU_B                             ? 
_refine.pdbx_refine_id                           'X-RAY DIFFRACTION' 
_refine.ls_redundancy_reflns_obs                 ? 
_refine.pdbx_overall_phase_error                 ? 
_refine.B_iso_min                                ? 
_refine.B_iso_max                                ? 
_refine.correlation_coeff_Fo_to_Fc               ? 
_refine.correlation_coeff_Fo_to_Fc_free          ? 
_refine.pdbx_solvent_vdw_probe_radii             ? 
_refine.pdbx_solvent_ion_probe_radii             ? 
_refine.pdbx_solvent_shrinkage_radii             ? 
_refine.overall_SU_R_Cruickshank_DPI             ? 
_refine.overall_SU_R_free                        ? 
_refine.ls_wR_factor_R_free                      ? 
_refine.ls_wR_factor_R_work                      ? 
_refine.overall_FOM_free_R_set                   ? 
_refine.overall_FOM_work_R_set                   ? 
_refine.pdbx_overall_ESU_R                       ? 
_refine.pdbx_diffrn_id                           1 
_refine.pdbx_TLS_residual_ADP_flag               ? 
_refine.pdbx_overall_SU_R_free_Cruickshank_DPI   ? 
_refine.pdbx_overall_SU_R_Blow_DPI               ? 
_refine.pdbx_overall_SU_R_free_Blow_DPI          ? 
# 
_refine_hist.pdbx_refine_id                   'X-RAY DIFFRACTION' 
_refine_hist.cycle_id                         LAST 
_refine_hist.pdbx_number_atoms_protein        789 
_refine_hist.pdbx_number_atoms_nucleic_acid   0 
_refine_hist.pdbx_number_atoms_ligand         0 
_refine_hist.number_atoms_solvent             15 
_refine_hist.number_atoms_total               804 
_refine_hist.d_res_high                       2.5 
_refine_hist.d_res_low                        7.0 
# 
loop_
_refine_ls_restr.type 
_refine_ls_restr.dev_ideal 
_refine_ls_restr.dev_ideal_target 
_refine_ls_restr.weight 
_refine_ls_restr.number 
_refine_ls_restr.pdbx_refine_id 
_refine_ls_restr.pdbx_restraint_function 
x_bond_d                0.014 ? ? ? 'X-RAY DIFFRACTION' ? 
x_bond_d_na             ?     ? ? ? 'X-RAY DIFFRACTION' ? 
x_bond_d_prot           ?     ? ? ? 'X-RAY DIFFRACTION' ? 
x_angle_d               ?     ? ? ? 'X-RAY DIFFRACTION' ? 
x_angle_d_na            ?     ? ? ? 'X-RAY DIFFRACTION' ? 
x_angle_d_prot          ?     ? ? ? 'X-RAY DIFFRACTION' ? 
x_angle_deg             3.1   ? ? ? 'X-RAY DIFFRACTION' ? 
x_angle_deg_na          ?     ? ? ? 'X-RAY DIFFRACTION' ? 
x_angle_deg_prot        ?     ? ? ? 'X-RAY DIFFRACTION' ? 
x_dihedral_angle_d      ?     ? ? ? 'X-RAY DIFFRACTION' ? 
x_dihedral_angle_d_na   ?     ? ? ? 'X-RAY DIFFRACTION' ? 
x_dihedral_angle_d_prot ?     ? ? ? 'X-RAY DIFFRACTION' ? 
x_improper_angle_d      ?     ? ? ? 'X-RAY DIFFRACTION' ? 
x_improper_angle_d_na   ?     ? ? ? 'X-RAY DIFFRACTION' ? 
x_improper_angle_d_prot ?     ? ? ? 'X-RAY DIFFRACTION' ? 
x_mcbond_it             ?     ? ? ? 'X-RAY DIFFRACTION' ? 
x_mcangle_it            ?     ? ? ? 'X-RAY DIFFRACTION' ? 
x_scbond_it             ?     ? ? ? 'X-RAY DIFFRACTION' ? 
x_scangle_it            ?     ? ? ? 'X-RAY DIFFRACTION' ? 
# 
_struct.entry_id                  1YTJ 
_struct.title                     'SIV PROTEASE CRYSTALLIZED WITH PEPTIDE PRODUCT' 
_struct.pdbx_model_details        ? 
_struct.pdbx_CASP_flag            ? 
_struct.pdbx_model_type_details   ? 
# 
_struct_keywords.entry_id        1YTJ 
_struct_keywords.pdbx_keywords   HYDROLASE/PEPTIDE 
_struct_keywords.text            
'AIDS, POLYPROTEIN, HYDROLASE, ASPARTYL PROTEASE, ENDONUCLEASE, RNA-DIRECTED DNA POLYMERASE, HYDROLASE-PEPTIDE COMPLEX' 
# 
loop_
_struct_asym.id 
_struct_asym.pdbx_blank_PDB_chainid_flag 
_struct_asym.pdbx_modified 
_struct_asym.entity_id 
_struct_asym.details 
A N N 1 ? 
B N N 2 ? 
C N N 3 ? 
D N N 3 ? 
# 
_struct_biol.id        1 
_struct_biol.details   ? 
# 
_struct_conf.conf_type_id            HELX_P 
_struct_conf.id                      HELX_P1 
_struct_conf.pdbx_PDB_helix_id       1 
_struct_conf.beg_label_comp_id       ARG 
_struct_conf.beg_label_asym_id       A 
_struct_conf.beg_label_seq_id        87 
_struct_conf.pdbx_beg_PDB_ins_code   ? 
_struct_conf.end_label_comp_id       ALA 
_struct_conf.end_label_asym_id       A 
_struct_conf.end_label_seq_id        92 
_struct_conf.pdbx_end_PDB_ins_code   ? 
_struct_conf.beg_auth_comp_id        ARG 
_struct_conf.beg_auth_asym_id        A 
_struct_conf.beg_auth_seq_id         87 
_struct_conf.end_auth_comp_id        ALA 
_struct_conf.end_auth_asym_id        A 
_struct_conf.end_auth_seq_id         92 
_struct_conf.pdbx_PDB_helix_class    1 
_struct_conf.details                 ? 
_struct_conf.pdbx_PDB_helix_length   6 
# 
_struct_conf_type.id          HELX_P 
_struct_conf_type.criteria    ? 
_struct_conf_type.reference   ? 
# 
loop_
_struct_conn.id 
_struct_conn.conn_type_id 
_struct_conn.pdbx_leaving_atom_flag 
_struct_conn.pdbx_PDB_id 
_struct_conn.ptnr1_label_asym_id 
_struct_conn.ptnr1_label_comp_id 
_struct_conn.ptnr1_label_seq_id 
_struct_conn.ptnr1_label_atom_id 
_struct_conn.pdbx_ptnr1_label_alt_id 
_struct_conn.pdbx_ptnr1_PDB_ins_code 
_struct_conn.pdbx_ptnr1_standard_comp_id 
_struct_conn.ptnr1_symmetry 
_struct_conn.ptnr2_label_asym_id 
_struct_conn.ptnr2_label_comp_id 
_struct_conn.ptnr2_label_seq_id 
_struct_conn.ptnr2_label_atom_id 
_struct_conn.pdbx_ptnr2_label_alt_id 
_struct_conn.pdbx_ptnr2_PDB_ins_code 
_struct_conn.ptnr1_auth_asym_id 
_struct_conn.ptnr1_auth_comp_id 
_struct_conn.ptnr1_auth_seq_id 
_struct_conn.ptnr2_auth_asym_id 
_struct_conn.ptnr2_auth_comp_id 
_struct_conn.ptnr2_auth_seq_id 
_struct_conn.ptnr2_symmetry 
_struct_conn.pdbx_ptnr3_label_atom_id 
_struct_conn.pdbx_ptnr3_label_seq_id 
_struct_conn.pdbx_ptnr3_label_comp_id 
_struct_conn.pdbx_ptnr3_label_asym_id 
_struct_conn.pdbx_ptnr3_label_alt_id 
_struct_conn.pdbx_ptnr3_PDB_ins_code 
_struct_conn.details 
_struct_conn.pdbx_dist_value 
_struct_conn.pdbx_value_order 
_struct_conn.pdbx_role 
covale1 covale both ? B PPN 1 C ? ? ? 1_555 B GLU 2 N ? ? I PPN 104 I GLU 105 1_555 ? ? ? ? ? ? ? 1.329 ? ? 
covale2 covale both ? B ALA 3 C ? ? ? 1_555 B NLE 4 N ? ? I ALA 106 I NLE 107 1_555 ? ? ? ? ? ? ? 1.328 ? ? 
covale3 covale both ? B NLE 4 C ? ? ? 1_555 B SER 5 N ? ? I NLE 107 I SER 108 1_555 ? ? ? ? ? ? ? 1.238 ? ? 
# 
_struct_conn_type.id          covale 
_struct_conn_type.criteria    ? 
_struct_conn_type.reference   ? 
# 
loop_
_struct_sheet.id 
_struct_sheet.type 
_struct_sheet.number_strands 
_struct_sheet.details 
A ? 4 ? 
B ? 3 ? 
# 
loop_
_struct_sheet_order.sheet_id 
_struct_sheet_order.range_id_1 
_struct_sheet_order.range_id_2 
_struct_sheet_order.offset 
_struct_sheet_order.sense 
A 1 2 ? anti-parallel 
A 2 3 ? anti-parallel 
A 3 4 ? anti-parallel 
B 1 2 ? anti-parallel 
B 2 3 ? anti-parallel 
# 
loop_
_struct_sheet_range.sheet_id 
_struct_sheet_range.id 
_struct_sheet_range.beg_label_comp_id 
_struct_sheet_range.beg_label_asym_id 
_struct_sheet_range.beg_label_seq_id 
_struct_sheet_range.pdbx_beg_PDB_ins_code 
_struct_sheet_range.end_label_comp_id 
_struct_sheet_range.end_label_asym_id 
_struct_sheet_range.end_label_seq_id 
_struct_sheet_range.pdbx_end_PDB_ins_code 
_struct_sheet_range.beg_auth_comp_id 
_struct_sheet_range.beg_auth_asym_id 
_struct_sheet_range.beg_auth_seq_id 
_struct_sheet_range.end_auth_comp_id 
_struct_sheet_range.end_auth_asym_id 
_struct_sheet_range.end_auth_seq_id 
A 1 GLN A 18 ? LEU A 23 ? GLN A 18 LEU A 23 
A 2 VAL A 10 ? ILE A 15 ? VAL A 10 ILE A 15 
A 3 VAL A 62 ? VAL A 66 ? VAL A 62 VAL A 66 
A 4 LYS A 69 ? GLY A 73 ? LYS A 69 GLY A 73 
B 1 THR A 43 ? GLY A 49 ? THR A 43 GLY A 49 
B 2 GLY A 52 ? TYR A 59 ? GLY A 52 TYR A 59 
B 3 ILE A 75 ? GLY A 78 ? ILE A 75 GLY A 78 
# 
loop_
_pdbx_struct_sheet_hbond.sheet_id 
_pdbx_struct_sheet_hbond.range_id_1 
_pdbx_struct_sheet_hbond.range_id_2 
_pdbx_struct_sheet_hbond.range_1_label_atom_id 
_pdbx_struct_sheet_hbond.range_1_label_comp_id 
_pdbx_struct_sheet_hbond.range_1_label_asym_id 
_pdbx_struct_sheet_hbond.range_1_label_seq_id 
_pdbx_struct_sheet_hbond.range_1_PDB_ins_code 
_pdbx_struct_sheet_hbond.range_1_auth_atom_id 
_pdbx_struct_sheet_hbond.range_1_auth_comp_id 
_pdbx_struct_sheet_hbond.range_1_auth_asym_id 
_pdbx_struct_sheet_hbond.range_1_auth_seq_id 
_pdbx_struct_sheet_hbond.range_2_label_atom_id 
_pdbx_struct_sheet_hbond.range_2_label_comp_id 
_pdbx_struct_sheet_hbond.range_2_label_asym_id 
_pdbx_struct_sheet_hbond.range_2_label_seq_id 
_pdbx_struct_sheet_hbond.range_2_PDB_ins_code 
_pdbx_struct_sheet_hbond.range_2_auth_atom_id 
_pdbx_struct_sheet_hbond.range_2_auth_comp_id 
_pdbx_struct_sheet_hbond.range_2_auth_asym_id 
_pdbx_struct_sheet_hbond.range_2_auth_seq_id 
A 1 2 O GLN A 18 ? O GLN A 18 N ILE A 15 ? N ILE A 15 
A 2 3 O HIS A 14 ? O HIS A 14 N GLU A 65 ? N GLU A 65 
A 3 4 O VAL A 62 ? O VAL A 62 N GLY A 73 ? N GLY A 73 
B 1 2 O THR A 43 ? O THR A 43 N GLU A 58 ? N GLU A 58 
B 2 3 O LYS A 57 ? O LYS A 57 N THR A 77 ? N THR A 77 
# 
_struct_site.id                   AC1 
_struct_site.pdbx_evidence_code   Software 
_struct_site.pdbx_auth_asym_id    ? 
_struct_site.pdbx_auth_comp_id    ? 
_struct_site.pdbx_auth_seq_id     ? 
_struct_site.pdbx_auth_ins_code   ? 
_struct_site.pdbx_num_residues    17 
_struct_site.details              'BINDING SITE FOR CHAIN I OF PEPTIDE PRODUCT' 
# 
loop_
_struct_site_gen.id 
_struct_site_gen.site_id 
_struct_site_gen.pdbx_num_res 
_struct_site_gen.label_comp_id 
_struct_site_gen.label_asym_id 
_struct_site_gen.label_seq_id 
_struct_site_gen.pdbx_auth_ins_code 
_struct_site_gen.auth_comp_id 
_struct_site_gen.auth_asym_id 
_struct_site_gen.auth_seq_id 
_struct_site_gen.label_atom_id 
_struct_site_gen.label_alt_id 
_struct_site_gen.symmetry 
_struct_site_gen.details 
1  AC1 17 PRO A 1  ? PRO A 1   . ? 5_445 ? 
2  AC1 17 ARG A 8  ? ARG A 8   . ? 4_555 ? 
3  AC1 17 LEU A 23 ? LEU A 23  . ? 4_555 ? 
4  AC1 17 ASP A 25 ? ASP A 25  . ? 1_555 ? 
5  AC1 17 ASP A 25 ? ASP A 25  . ? 4_555 ? 
6  AC1 17 GLY A 27 ? GLY A 27  . ? 1_555 ? 
7  AC1 17 ALA A 28 ? ALA A 28  . ? 1_555 ? 
8  AC1 17 ASP A 29 ? ASP A 29  . ? 1_555 ? 
9  AC1 17 ASP A 30 ? ASP A 30  . ? 1_555 ? 
10 AC1 17 ILE A 46 ? ILE A 46  . ? 1_555 ? 
11 AC1 17 VAL A 47 ? VAL A 47  . ? 1_555 ? 
12 AC1 17 GLY A 48 ? GLY A 48  . ? 1_555 ? 
13 AC1 17 PRO A 81 ? PRO A 81  . ? 4_555 ? 
14 AC1 17 ILE A 82 ? ILE A 82  . ? 4_555 ? 
15 AC1 17 ILE A 84 ? ILE A 84  . ? 1_555 ? 
16 AC1 17 HOH D .  ? HOH I 401 . ? 4_555 ? 
17 AC1 17 HOH D .  ? HOH I 401 . ? 1_555 ? 
# 
_atom_sites.entry_id                    1YTJ 
_atom_sites.fract_transf_matrix[1][1]   -0.00399248 
_atom_sites.fract_transf_matrix[1][2]   -0.01554651 
_atom_sites.fract_transf_matrix[1][3]   -0.00002494 
_atom_sites.fract_transf_matrix[2][1]   0.00674554 
_atom_sites.fract_transf_matrix[2][2]   -0.00178102 
_atom_sites.fract_transf_matrix[2][3]   0.03036174 
_atom_sites.fract_transf_matrix[3][1]   -0.00980309 
_atom_sites.fract_transf_matrix[3][2]   0.00251379 
_atom_sites.fract_transf_matrix[3][3]   0.00232544 
_atom_sites.fract_transf_vector[1]      -0.249145 
_atom_sites.fract_transf_vector[2]      0.083920 
_atom_sites.fract_transf_vector[3]      -0.108169 
# 
loop_
_atom_type.symbol 
C 
N 
O 
S 
# 
loop_
_atom_site.group_PDB 
_atom_site.id 
_atom_site.type_symbol 
_atom_site.label_atom_id 
_atom_site.label_alt_id 
_atom_site.label_comp_id 
_atom_site.label_asym_id 
_atom_site.label_entity_id 
_atom_site.label_seq_id 
_atom_site.pdbx_PDB_ins_code 
_atom_site.Cartn_x 
_atom_site.Cartn_y 
_atom_site.Cartn_z 
_atom_site.occupancy 
_atom_site.B_iso_or_equiv 
_atom_site.pdbx_formal_charge 
_atom_site.auth_seq_id 
_atom_site.auth_comp_id 
_atom_site.auth_asym_id 
_atom_site.auth_atom_id 
_atom_site.pdbx_PDB_model_num 
ATOM   1   N N   . PRO A 1 1  ? -9.250  -17.145 4.337   1.00 11.61 ? 1   PRO A N   1 
ATOM   2   C CA  . PRO A 1 1  ? -9.700  -16.478 5.553   1.00 14.87 ? 1   PRO A CA  1 
ATOM   3   C C   . PRO A 1 1  ? -10.349 -15.188 5.063   1.00 14.67 ? 1   PRO A C   1 
ATOM   4   O O   . PRO A 1 1  ? -10.382 -15.005 3.850   1.00 19.13 ? 1   PRO A O   1 
ATOM   5   C CB  . PRO A 1 1  ? -8.460  -16.221 6.434   1.00 12.18 ? 1   PRO A CB  1 
ATOM   6   C CG  . PRO A 1 1  ? -7.594  -17.399 6.169   1.00 9.61  ? 1   PRO A CG  1 
ATOM   7   C CD  . PRO A 1 1  ? -7.911  -17.639 4.667   1.00 19.29 ? 1   PRO A CD  1 
ATOM   8   N N   . GLN A 1 2  ? -10.826 -14.264 5.883   1.00 17.33 ? 2   GLN A N   1 
ATOM   9   C CA  . GLN A 1 2  ? -11.461 -13.062 5.400   1.00 17.01 ? 2   GLN A CA  1 
ATOM   10  C C   . GLN A 1 2  ? -11.481 -12.065 6.516   1.00 19.39 ? 2   GLN A C   1 
ATOM   11  O O   . GLN A 1 2  ? -11.246 -12.412 7.692   1.00 13.35 ? 2   GLN A O   1 
ATOM   12  C CB  . GLN A 1 2  ? -12.890 -13.336 4.969   1.00 21.88 ? 2   GLN A CB  1 
ATOM   13  C CG  . GLN A 1 2  ? -13.694 -14.071 5.991   1.00 31.33 ? 2   GLN A CG  1 
ATOM   14  C CD  . GLN A 1 2  ? -15.052 -14.551 5.513   1.00 41.01 ? 2   GLN A CD  1 
ATOM   15  O OE1 . GLN A 1 2  ? -15.931 -14.653 6.360   1.00 43.89 ? 2   GLN A OE1 1 
ATOM   16  N NE2 . GLN A 1 2  ? -15.377 -14.838 4.255   1.00 43.10 ? 2   GLN A NE2 1 
ATOM   17  N N   . PHE A 1 3  ? -11.720 -10.836 6.068   1.00 17.27 ? 3   PHE A N   1 
ATOM   18  C CA  . PHE A 1 3  ? -11.899 -9.728  6.975   1.00 17.91 ? 3   PHE A CA  1 
ATOM   19  C C   . PHE A 1 3  ? -13.359 -9.432  6.779   1.00 21.29 ? 3   PHE A C   1 
ATOM   20  O O   . PHE A 1 3  ? -13.894 -9.556  5.674   1.00 20.25 ? 3   PHE A O   1 
ATOM   21  C CB  . PHE A 1 3  ? -11.148 -8.488  6.581   1.00 15.45 ? 3   PHE A CB  1 
ATOM   22  C CG  . PHE A 1 3  ? -9.657  -8.717  6.492   1.00 14.75 ? 3   PHE A CG  1 
ATOM   23  C CD1 . PHE A 1 3  ? -9.119  -9.395  5.396   1.00 15.20 ? 3   PHE A CD1 1 
ATOM   24  C CD2 . PHE A 1 3  ? -8.828  -8.239  7.512   1.00 13.12 ? 3   PHE A CD2 1 
ATOM   25  C CE1 . PHE A 1 3  ? -7.738  -9.588  5.330   1.00 16.46 ? 3   PHE A CE1 1 
ATOM   26  C CE2 . PHE A 1 3  ? -7.458  -8.437  7.435   1.00 11.17 ? 3   PHE A CE2 1 
ATOM   27  C CZ  . PHE A 1 3  ? -6.911  -9.107  6.347   1.00 12.74 ? 3   PHE A CZ  1 
ATOM   28  N N   . HIS A 1 4  ? -14.054 -9.154  7.871   1.00 25.15 ? 4   HIS A N   1 
ATOM   29  C CA  . HIS A 1 4  ? -15.444 -8.752  7.791   1.00 28.29 ? 4   HIS A CA  1 
ATOM   30  C C   . HIS A 1 4  ? -15.317 -7.248  7.922   1.00 27.50 ? 4   HIS A C   1 
ATOM   31  O O   . HIS A 1 4  ? -14.396 -6.795  8.614   1.00 35.91 ? 4   HIS A O   1 
ATOM   32  C CB  . HIS A 1 4  ? -16.192 -9.415  8.931   1.00 36.40 ? 4   HIS A CB  1 
ATOM   33  C CG  . HIS A 1 4  ? -16.425 -10.907 8.646   1.00 47.09 ? 4   HIS A CG  1 
ATOM   34  N ND1 . HIS A 1 4  ? -17.442 -11.452 7.976   1.00 50.24 ? 4   HIS A ND1 1 
ATOM   35  C CD2 . HIS A 1 4  ? -15.600 -11.947 9.050   1.00 51.47 ? 4   HIS A CD2 1 
ATOM   36  C CE1 . HIS A 1 4  ? -17.274 -12.754 7.969   1.00 52.61 ? 4   HIS A CE1 1 
ATOM   37  N NE2 . HIS A 1 4  ? -16.163 -13.042 8.606   1.00 52.25 ? 4   HIS A NE2 1 
ATOM   38  N N   . LEU A 1 5  ? -16.137 -6.382  7.346   1.00 24.04 ? 5   LEU A N   1 
ATOM   39  C CA  . LEU A 1 5  ? -15.774 -4.972  7.375   1.00 16.96 ? 5   LEU A CA  1 
ATOM   40  C C   . LEU A 1 5  ? -16.357 -4.084  8.482   1.00 16.84 ? 5   LEU A C   1 
ATOM   41  O O   . LEU A 1 5  ? -16.587 -2.892  8.298   1.00 14.23 ? 5   LEU A O   1 
ATOM   42  C CB  . LEU A 1 5  ? -16.079 -4.482  5.942   1.00 14.76 ? 5   LEU A CB  1 
ATOM   43  C CG  . LEU A 1 5  ? -15.337 -5.217  4.790   1.00 11.77 ? 5   LEU A CG  1 
ATOM   44  C CD1 . LEU A 1 5  ? -15.873 -4.800  3.428   1.00 15.99 ? 5   LEU A CD1 1 
ATOM   45  C CD2 . LEU A 1 5  ? -13.866 -4.887  4.857   1.00 4.85  ? 5   LEU A CD2 1 
ATOM   46  N N   . TRP A 1 6  ? -16.505 -4.635  9.692   1.00 17.59 ? 6   TRP A N   1 
ATOM   47  C CA  . TRP A 1 6  ? -17.028 -3.906  10.838  1.00 16.82 ? 6   TRP A CA  1 
ATOM   48  C C   . TRP A 1 6  ? -15.896 -3.116  11.459  1.00 21.58 ? 6   TRP A C   1 
ATOM   49  O O   . TRP A 1 6  ? -16.122 -2.088  12.098  1.00 27.07 ? 6   TRP A O   1 
ATOM   50  C CB  . TRP A 1 6  ? -17.582 -4.847  11.903  1.00 21.91 ? 6   TRP A CB  1 
ATOM   51  C CG  . TRP A 1 6  ? -18.712 -5.722  11.401  1.00 28.20 ? 6   TRP A CG  1 
ATOM   52  C CD1 . TRP A 1 6  ? -18.498 -7.057  11.155  1.00 33.37 ? 6   TRP A CD1 1 
ATOM   53  C CD2 . TRP A 1 6  ? -19.987 -5.305  11.084  1.00 32.25 ? 6   TRP A CD2 1 
ATOM   54  N NE1 . TRP A 1 6  ? -19.635 -7.499  10.667  1.00 34.63 ? 6   TRP A NE1 1 
ATOM   55  C CE2 . TRP A 1 6  ? -20.546 -6.501  10.604  1.00 36.02 ? 6   TRP A CE2 1 
ATOM   56  C CE3 . TRP A 1 6  ? -20.756 -4.131  11.133  1.00 36.26 ? 6   TRP A CE3 1 
ATOM   57  C CZ2 . TRP A 1 6  ? -21.875 -6.526  10.156  1.00 39.37 ? 6   TRP A CZ2 1 
ATOM   58  C CZ3 . TRP A 1 6  ? -22.082 -4.154  10.692  1.00 35.30 ? 6   TRP A CZ3 1 
ATOM   59  C CH2 . TRP A 1 6  ? -22.636 -5.343  10.207  1.00 39.03 ? 6   TRP A CH2 1 
ATOM   60  N N   . LYS A 1 7  ? -14.670 -3.631  11.390  1.00 19.37 ? 7   LYS A N   1 
ATOM   61  C CA  . LYS A 1 7  ? -13.508 -2.905  11.835  1.00 17.72 ? 7   LYS A CA  1 
ATOM   62  C C   . LYS A 1 7  ? -12.708 -2.635  10.552  1.00 18.27 ? 7   LYS A C   1 
ATOM   63  O O   . LYS A 1 7  ? -12.901 -3.272  9.512   1.00 17.44 ? 7   LYS A O   1 
ATOM   64  C CB  . LYS A 1 7  ? -12.686 -3.749  12.781  1.00 23.79 ? 7   LYS A CB  1 
ATOM   65  C CG  . LYS A 1 7  ? -13.288 -3.973  14.163  1.00 36.30 ? 7   LYS A CG  1 
ATOM   66  C CD  . LYS A 1 7  ? -13.538 -2.703  15.021  1.00 44.21 ? 7   LYS A CD  1 
ATOM   67  C CE  . LYS A 1 7  ? -14.126 -3.088  16.416  1.00 49.92 ? 7   LYS A CE  1 
ATOM   68  N NZ  . LYS A 1 7  ? -14.307 -1.993  17.366  1.00 44.51 ? 7   LYS A NZ  1 
ATOM   69  N N   . ARG A 1 8  ? -11.784 -1.687  10.543  1.00 14.72 ? 8   ARG A N   1 
ATOM   70  C CA  . ARG A 1 8  ? -10.922 -1.441  9.399   1.00 13.13 ? 8   ARG A CA  1 
ATOM   71  C C   . ARG A 1 8  ? -10.100 -2.676  9.104   1.00 11.06 ? 8   ARG A C   1 
ATOM   72  O O   . ARG A 1 8  ? -9.651  -3.278  10.094  1.00 9.69  ? 8   ARG A O   1 
ATOM   73  C CB  . ARG A 1 8  ? -9.960  -0.292  9.684   1.00 19.05 ? 8   ARG A CB  1 
ATOM   74  C CG  . ARG A 1 8  ? -10.643 1.042   9.747   1.00 22.41 ? 8   ARG A CG  1 
ATOM   75  C CD  . ARG A 1 8  ? -9.693  2.114   10.158  1.00 27.24 ? 8   ARG A CD  1 
ATOM   76  N NE  . ARG A 1 8  ? -10.301 3.377   9.779   1.00 34.89 ? 8   ARG A NE  1 
ATOM   77  C CZ  . ARG A 1 8  ? -9.645  4.539   9.870   1.00 40.45 ? 8   ARG A CZ  1 
ATOM   78  N NH1 . ARG A 1 8  ? -8.430  4.600   10.416  1.00 43.24 ? 8   ARG A NH1 1 
ATOM   79  N NH2 . ARG A 1 8  ? -10.226 5.665   9.440   1.00 44.80 ? 8   ARG A NH2 1 
ATOM   80  N N   . PRO A 1 9  ? -9.872  -3.073  7.828   1.00 8.39  ? 9   PRO A N   1 
ATOM   81  C CA  . PRO A 1 9  ? -9.003  -4.189  7.504   1.00 3.44  ? 9   PRO A CA  1 
ATOM   82  C C   . PRO A 1 9  ? -7.515  -3.769  7.569   1.00 6.23  ? 9   PRO A C   1 
ATOM   83  O O   . PRO A 1 9  ? -6.886  -3.435  6.568   1.00 10.73 ? 9   PRO A O   1 
ATOM   84  C CB  . PRO A 1 9  ? -9.604  -4.590  6.156   1.00 7.43  ? 9   PRO A CB  1 
ATOM   85  C CG  . PRO A 1 9  ? -10.024 -3.312  5.432   1.00 2.54  ? 9   PRO A CG  1 
ATOM   86  C CD  . PRO A 1 9  ? -10.510 -2.485  6.624   1.00 7.32  ? 9   PRO A CD  1 
ATOM   87  N N   . VAL A 1 10 ? -6.927  -3.717  8.779   1.00 8.87  ? 10  VAL A N   1 
ATOM   88  C CA  . VAL A 1 10 ? -5.536  -3.352  9.037   1.00 9.19  ? 10  VAL A CA  1 
ATOM   89  C C   . VAL A 1 10 ? -4.689  -4.630  9.288   1.00 11.71 ? 10  VAL A C   1 
ATOM   90  O O   . VAL A 1 10 ? -5.136  -5.561  9.956   1.00 14.22 ? 10  VAL A O   1 
ATOM   91  C CB  . VAL A 1 10 ? -5.460  -2.380  10.287  1.00 7.03  ? 10  VAL A CB  1 
ATOM   92  C CG1 . VAL A 1 10 ? -4.016  -1.986  10.593  1.00 6.51  ? 10  VAL A CG1 1 
ATOM   93  C CG2 . VAL A 1 10 ? -6.135  -1.056  10.004  1.00 2.00  ? 10  VAL A CG2 1 
ATOM   94  N N   . VAL A 1 11 ? -3.495  -4.772  8.715   1.00 7.61  ? 11  VAL A N   1 
ATOM   95  C CA  . VAL A 1 11 ? -2.583  -5.852  9.012   1.00 6.68  ? 11  VAL A CA  1 
ATOM   96  C C   . VAL A 1 11 ? -1.205  -5.199  9.162   1.00 9.34  ? 11  VAL A C   1 
ATOM   97  O O   . VAL A 1 11 ? -1.008  -4.011  8.885   1.00 11.49 ? 11  VAL A O   1 
ATOM   98  C CB  . VAL A 1 11 ? -2.505  -6.939  7.875   1.00 9.12  ? 11  VAL A CB  1 
ATOM   99  C CG1 . VAL A 1 11 ? -3.760  -7.739  7.867   1.00 11.33 ? 11  VAL A CG1 1 
ATOM   100 C CG2 . VAL A 1 11 ? -2.369  -6.333  6.501   1.00 11.59 ? 11  VAL A CG2 1 
ATOM   101 N N   . THR A 1 12 ? -0.239  -5.944  9.683   1.00 13.26 ? 12  THR A N   1 
ATOM   102 C CA  . THR A 1 12 ? 1.148   -5.532  9.743   1.00 9.82  ? 12  THR A CA  1 
ATOM   103 C C   . THR A 1 12 ? 1.857   -6.135  8.530   1.00 7.17  ? 12  THR A C   1 
ATOM   104 O O   . THR A 1 12 ? 1.620   -7.302  8.184   1.00 9.46  ? 12  THR A O   1 
ATOM   105 C CB  . THR A 1 12 ? 1.749   -6.035  11.078  1.00 12.25 ? 12  THR A CB  1 
ATOM   106 O OG1 . THR A 1 12 ? 0.971   -5.399  12.114  1.00 18.67 ? 12  THR A OG1 1 
ATOM   107 C CG2 . THR A 1 12 ? 3.249   -5.700  11.255  1.00 11.62 ? 12  THR A CG2 1 
ATOM   108 N N   . ALA A 1 13 ? 2.691   -5.372  7.834   1.00 4.30  ? 13  ALA A N   1 
ATOM   109 C CA  . ALA A 1 13 ? 3.442   -5.859  6.695   1.00 3.98  ? 13  ALA A CA  1 
ATOM   110 C C   . ALA A 1 13 ? 4.881   -5.557  7.026   1.00 8.62  ? 13  ALA A C   1 
ATOM   111 O O   . ALA A 1 13 ? 5.165   -4.742  7.910   1.00 14.14 ? 13  ALA A O   1 
ATOM   112 C CB  . ALA A 1 13 ? 3.077   -5.087  5.437   1.00 3.58  ? 13  ALA A CB  1 
ATOM   113 N N   . HIS A 1 14 ? 5.846   -6.190  6.389   1.00 13.81 ? 14  HIS A N   1 
ATOM   114 C CA  . HIS A 1 14 ? 7.259   -5.803  6.523   1.00 12.73 ? 14  HIS A CA  1 
ATOM   115 C C   . HIS A 1 14 ? 7.686   -5.328  5.140   1.00 9.27  ? 14  HIS A C   1 
ATOM   116 O O   . HIS A 1 14 ? 7.550   -6.081  4.183   1.00 15.89 ? 14  HIS A O   1 
ATOM   117 C CB  . HIS A 1 14 ? 8.141   -6.986  6.923   1.00 13.25 ? 14  HIS A CB  1 
ATOM   118 C CG  . HIS A 1 14 ? 7.948   -7.269  8.376   1.00 13.76 ? 14  HIS A CG  1 
ATOM   119 N ND1 . HIS A 1 14 ? 6.886   -7.801  8.943   1.00 16.00 ? 14  HIS A ND1 1 
ATOM   120 C CD2 . HIS A 1 14 ? 8.833   -6.919  9.355   1.00 16.18 ? 14  HIS A CD2 1 
ATOM   121 C CE1 . HIS A 1 14 ? 7.087   -7.776  10.232  1.00 12.17 ? 14  HIS A CE1 1 
ATOM   122 N NE2 . HIS A 1 14 ? 8.248   -7.245  10.468  1.00 14.23 ? 14  HIS A NE2 1 
ATOM   123 N N   . ILE A 1 15 ? 8.086   -4.091  4.967   1.00 8.95  ? 15  ILE A N   1 
ATOM   124 C CA  . ILE A 1 15 ? 8.535   -3.553  3.713   1.00 9.24  ? 15  ILE A CA  1 
ATOM   125 C C   . ILE A 1 15 ? 10.053  -3.502  3.941   1.00 15.46 ? 15  ILE A C   1 
ATOM   126 O O   . ILE A 1 15 ? 10.564  -2.710  4.771   1.00 10.89 ? 15  ILE A O   1 
ATOM   127 C CB  . ILE A 1 15 ? 8.065   -2.109  3.455   1.00 6.97  ? 15  ILE A CB  1 
ATOM   128 C CG1 . ILE A 1 15 ? 6.631   -1.794  3.838   1.00 6.02  ? 15  ILE A CG1 1 
ATOM   129 C CG2 . ILE A 1 15 ? 8.297   -1.914  1.954   1.00 5.48  ? 15  ILE A CG2 1 
ATOM   130 C CD1 . ILE A 1 15 ? 5.477   -2.333  3.002   1.00 5.83  ? 15  ILE A CD1 1 
ATOM   131 N N   . GLU A 1 16 ? 10.812  -4.350  3.237   1.00 16.96 ? 16  GLU A N   1 
ATOM   132 C CA  . GLU A 1 16 ? 12.283  -4.417  3.359   1.00 13.75 ? 16  GLU A CA  1 
ATOM   133 C C   . GLU A 1 16 ? 12.748  -4.475  4.811   1.00 11.04 ? 16  GLU A C   1 
ATOM   134 O O   . GLU A 1 16 ? 13.578  -3.705  5.318   1.00 9.48  ? 16  GLU A O   1 
ATOM   135 C CB  . GLU A 1 16 ? 12.923  -3.214  2.676   1.00 13.12 ? 16  GLU A CB  1 
ATOM   136 C CG  . GLU A 1 16 ? 12.740  -3.182  1.156   1.00 15.59 ? 16  GLU A CG  1 
ATOM   137 C CD  . GLU A 1 16 ? 13.506  -4.234  0.354   1.00 17.69 ? 16  GLU A CD  1 
ATOM   138 O OE1 . GLU A 1 16 ? 14.463  -4.813  0.867   1.00 26.38 ? 16  GLU A OE1 1 
ATOM   139 O OE2 . GLU A 1 16 ? 13.153  -4.480  -0.797  1.00 10.42 ? 16  GLU A OE2 1 
ATOM   140 N N   . GLY A 1 17 ? 12.074  -5.373  5.521   1.00 9.11  ? 17  GLY A N   1 
ATOM   141 C CA  . GLY A 1 17 ? 12.393  -5.562  6.917   1.00 16.38 ? 17  GLY A CA  1 
ATOM   142 C C   . GLY A 1 17 ? 11.631  -4.614  7.830   1.00 17.18 ? 17  GLY A C   1 
ATOM   143 O O   . GLY A 1 17 ? 11.335  -4.978  8.964   1.00 19.97 ? 17  GLY A O   1 
ATOM   144 N N   . GLN A 1 18 ? 11.215  -3.437  7.389   1.00 19.14 ? 18  GLN A N   1 
ATOM   145 C CA  . GLN A 1 18 ? 10.565  -2.486  8.279   1.00 21.91 ? 18  GLN A CA  1 
ATOM   146 C C   . GLN A 1 18 ? 9.108   -2.876  8.572   1.00 18.56 ? 18  GLN A C   1 
ATOM   147 O O   . GLN A 1 18 ? 8.370   -3.108  7.630   1.00 21.07 ? 18  GLN A O   1 
ATOM   148 C CB  . GLN A 1 18 ? 10.725  -1.126  7.593   1.00 21.39 ? 18  GLN A CB  1 
ATOM   149 C CG  . GLN A 1 18 ? 12.205  -0.813  7.303   1.00 21.48 ? 18  GLN A CG  1 
ATOM   150 C CD  . GLN A 1 18 ? 12.473  0.415   6.441   1.00 27.76 ? 18  GLN A CD  1 
ATOM   151 O OE1 . GLN A 1 18 ? 12.598  1.578   6.867   1.00 30.79 ? 18  GLN A OE1 1 
ATOM   152 N NE2 . GLN A 1 18 ? 12.554  0.144   5.154   1.00 28.30 ? 18  GLN A NE2 1 
ATOM   153 N N   . PRO A 1 19 ? 8.634   -3.110  9.802   1.00 20.53 ? 19  PRO A N   1 
ATOM   154 C CA  . PRO A 1 19 ? 7.219   -3.334  10.145  1.00 16.08 ? 19  PRO A CA  1 
ATOM   155 C C   . PRO A 1 19 ? 6.329   -2.100  9.996   1.00 14.89 ? 19  PRO A C   1 
ATOM   156 O O   . PRO A 1 19 ? 6.672   -1.027  10.514  1.00 16.77 ? 19  PRO A O   1 
ATOM   157 C CB  . PRO A 1 19 ? 7.258   -3.829  11.561  1.00 15.27 ? 19  PRO A CB  1 
ATOM   158 C CG  . PRO A 1 19 ? 8.393   -2.985  12.123  1.00 20.84 ? 19  PRO A CG  1 
ATOM   159 C CD  . PRO A 1 19 ? 9.454   -3.083  11.015  1.00 21.23 ? 19  PRO A CD  1 
ATOM   160 N N   . VAL A 1 20 ? 5.175   -2.199  9.339   1.00 13.50 ? 20  VAL A N   1 
ATOM   161 C CA  . VAL A 1 20 ? 4.338   -1.040  9.133   1.00 10.86 ? 20  VAL A CA  1 
ATOM   162 C C   . VAL A 1 20 ? 2.906   -1.519  9.206   1.00 5.99  ? 20  VAL A C   1 
ATOM   163 O O   . VAL A 1 20 ? 2.682   -2.665  8.822   1.00 8.73  ? 20  VAL A O   1 
ATOM   164 C CB  . VAL A 1 20 ? 4.824   -0.450  7.770   1.00 14.45 ? 20  VAL A CB  1 
ATOM   165 C CG1 . VAL A 1 20 ? 4.293   -1.153  6.556   1.00 24.76 ? 20  VAL A CG1 1 
ATOM   166 C CG2 . VAL A 1 20 ? 4.363   0.966   7.722   1.00 22.75 ? 20  VAL A CG2 1 
ATOM   167 N N   . GLU A 1 21 ? 1.946   -0.820  9.827   1.00 7.74  ? 21  GLU A N   1 
ATOM   168 C CA  . GLU A 1 21 ? 0.562   -1.254  9.815   1.00 13.62 ? 21  GLU A CA  1 
ATOM   169 C C   . GLU A 1 21 ? -0.101  -0.571  8.633   1.00 17.71 ? 21  GLU A C   1 
ATOM   170 O O   . GLU A 1 21 ? 0.011   0.668   8.463   1.00 11.69 ? 21  GLU A O   1 
ATOM   171 C CB  . GLU A 1 21 ? -0.172  -0.863  11.080  1.00 21.16 ? 21  GLU A CB  1 
ATOM   172 C CG  . GLU A 1 21 ? 0.092   -1.942  12.126  1.00 35.46 ? 21  GLU A CG  1 
ATOM   173 C CD  . GLU A 1 21 ? -1.037  -2.210  13.129  1.00 45.05 ? 21  GLU A CD  1 
ATOM   174 O OE1 . GLU A 1 21 ? -1.481  -1.273  13.803  1.00 48.02 ? 21  GLU A OE1 1 
ATOM   175 O OE2 . GLU A 1 21 ? -1.464  -3.367  13.241  1.00 49.63 ? 21  GLU A OE2 1 
ATOM   176 N N   . VAL A 1 22 ? -0.736  -1.411  7.792   1.00 11.63 ? 22  VAL A N   1 
ATOM   177 C CA  . VAL A 1 22 ? -1.339  -0.959  6.541   1.00 13.93 ? 22  VAL A CA  1 
ATOM   178 C C   . VAL A 1 22 ? -2.830  -1.232  6.421   1.00 9.23  ? 22  VAL A C   1 
ATOM   179 O O   . VAL A 1 22 ? -3.296  -2.250  6.931   1.00 11.81 ? 22  VAL A O   1 
ATOM   180 C CB  . VAL A 1 22 ? -0.595  -1.608  5.303   1.00 8.16  ? 22  VAL A CB  1 
ATOM   181 C CG1 . VAL A 1 22 ? 0.868   -1.140  5.275   1.00 5.65  ? 22  VAL A CG1 1 
ATOM   182 C CG2 . VAL A 1 22 ? -0.681  -3.112  5.373   1.00 10.63 ? 22  VAL A CG2 1 
ATOM   183 N N   . LEU A 1 23 ? -3.604  -0.356  5.770   1.00 8.98  ? 23  LEU A N   1 
ATOM   184 C CA  . LEU A 1 23 ? -5.041  -0.557  5.568   1.00 5.21  ? 23  LEU A CA  1 
ATOM   185 C C   . LEU A 1 23 ? -5.196  -1.088  4.164   1.00 2.03  ? 23  LEU A C   1 
ATOM   186 O O   . LEU A 1 23 ? -4.667  -0.542  3.172   1.00 5.14  ? 23  LEU A O   1 
ATOM   187 C CB  . LEU A 1 23 ? -5.793  0.778   5.732   1.00 6.89  ? 23  LEU A CB  1 
ATOM   188 C CG  . LEU A 1 23 ? -7.258  0.959   5.259   1.00 5.53  ? 23  LEU A CG  1 
ATOM   189 C CD1 . LEU A 1 23 ? -8.177  0.168   6.116   1.00 5.30  ? 23  LEU A CD1 1 
ATOM   190 C CD2 . LEU A 1 23 ? -7.686  2.401   5.425   1.00 4.54  ? 23  LEU A CD2 1 
ATOM   191 N N   . LEU A 1 24 ? -5.884  -2.207  4.062   1.00 3.59  ? 24  LEU A N   1 
ATOM   192 C CA  . LEU A 1 24 ? -6.124  -2.830  2.765   1.00 3.28  ? 24  LEU A CA  1 
ATOM   193 C C   . LEU A 1 24 ? -7.290  -2.086  2.135   1.00 2.94  ? 24  LEU A C   1 
ATOM   194 O O   . LEU A 1 24 ? -8.412  -2.168  2.622   1.00 4.51  ? 24  LEU A O   1 
ATOM   195 C CB  . LEU A 1 24 ? -6.438  -4.278  3.009   1.00 2.97  ? 24  LEU A CB  1 
ATOM   196 C CG  . LEU A 1 24 ? -5.420  -4.998  3.864   1.00 3.43  ? 24  LEU A CG  1 
ATOM   197 C CD1 . LEU A 1 24 ? -6.031  -6.282  4.355   1.00 3.36  ? 24  LEU A CD1 1 
ATOM   198 C CD2 . LEU A 1 24 ? -4.131  -5.190  3.084   1.00 2.20  ? 24  LEU A CD2 1 
ATOM   199 N N   . ASP A 1 25 ? -7.046  -1.335  1.072   1.00 5.97  ? 25  ASP A N   1 
ATOM   200 C CA  . ASP A 1 25 ? -8.012  -0.473  0.436   1.00 8.56  ? 25  ASP A CA  1 
ATOM   201 C C   . ASP A 1 25 ? -8.392  -0.880  -0.984  1.00 9.22  ? 25  ASP A C   1 
ATOM   202 O O   . ASP A 1 25 ? -7.636  -0.648  -1.920  1.00 12.20 ? 25  ASP A O   1 
ATOM   203 C CB  . ASP A 1 25 ? -7.422  0.912   0.450   1.00 9.66  ? 25  ASP A CB  1 
ATOM   204 C CG  . ASP A 1 25 ? -8.306  2.080   0.111   1.00 15.67 ? 25  ASP A CG  1 
ATOM   205 O OD1 . ASP A 1 25 ? -9.272  1.993   -0.648  1.00 22.27 ? 25  ASP A OD1 1 
ATOM   206 O OD2 . ASP A 1 25 ? -7.999  3.133   0.631   1.00 19.09 ? 25  ASP A OD2 1 
ATOM   207 N N   . THR A 1 26 ? -9.602  -1.355  -1.246  1.00 8.26  ? 26  THR A N   1 
ATOM   208 C CA  . THR A 1 26 ? -9.989  -1.740  -2.599  1.00 10.59 ? 26  THR A CA  1 
ATOM   209 C C   . THR A 1 26 ? -10.202 -0.512  -3.510  1.00 8.38  ? 26  THR A C   1 
ATOM   210 O O   . THR A 1 26 ? -10.275 -0.584  -4.738  1.00 13.50 ? 26  THR A O   1 
ATOM   211 C CB  . THR A 1 26 ? -11.266 -2.634  -2.478  1.00 8.81  ? 26  THR A CB  1 
ATOM   212 O OG1 . THR A 1 26 ? -12.273 -1.907  -1.778  1.00 10.83 ? 26  THR A OG1 1 
ATOM   213 C CG2 . THR A 1 26 ? -11.023 -3.860  -1.608  1.00 9.07  ? 26  THR A CG2 1 
ATOM   214 N N   . GLY A 1 27 ? -10.347 0.672   -2.957  1.00 5.88  ? 27  GLY A N   1 
ATOM   215 C CA  . GLY A 1 27 ? -10.510 1.813   -3.807  1.00 2.00  ? 27  GLY A CA  1 
ATOM   216 C C   . GLY A 1 27 ? -9.185  2.504   -4.030  1.00 8.67  ? 27  GLY A C   1 
ATOM   217 O O   . GLY A 1 27 ? -9.174  3.659   -4.458  1.00 18.01 ? 27  GLY A O   1 
ATOM   218 N N   . ALA A 1 28 ? -8.030  1.983   -3.633  1.00 10.41 ? 28  ALA A N   1 
ATOM   219 C CA  . ALA A 1 28 ? -6.778  2.636   -3.956  1.00 4.54  ? 28  ALA A CA  1 
ATOM   220 C C   . ALA A 1 28 ? -6.227  1.864   -5.150  1.00 4.57  ? 28  ALA A C   1 
ATOM   221 O O   . ALA A 1 28 ? -6.256  0.624   -5.168  1.00 8.27  ? 28  ALA A O   1 
ATOM   222 C CB  . ALA A 1 28 ? -5.831  2.524   -2.783  1.00 2.42  ? 28  ALA A CB  1 
ATOM   223 N N   . ASP A 1 29 ? -5.769  2.523   -6.208  1.00 6.60  ? 29  ASP A N   1 
ATOM   224 C CA  . ASP A 1 29 ? -5.129  1.755   -7.271  1.00 8.13  ? 29  ASP A CA  1 
ATOM   225 C C   . ASP A 1 29 ? -3.695  1.420   -6.868  1.00 4.94  ? 29  ASP A C   1 
ATOM   226 O O   . ASP A 1 29 ? -3.167  0.366   -7.210  1.00 12.01 ? 29  ASP A O   1 
ATOM   227 C CB  . ASP A 1 29 ? -5.092  2.530   -8.571  1.00 9.19  ? 29  ASP A CB  1 
ATOM   228 C CG  . ASP A 1 29 ? -6.418  2.999   -9.183  1.00 16.22 ? 29  ASP A CG  1 
ATOM   229 O OD1 . ASP A 1 29 ? -7.476  2.419   -8.929  1.00 15.87 ? 29  ASP A OD1 1 
ATOM   230 O OD2 . ASP A 1 29 ? -6.387  3.977   -9.935  1.00 17.73 ? 29  ASP A OD2 1 
ATOM   231 N N   . ASP A 1 30 ? -3.104  2.249   -6.022  1.00 7.22  ? 30  ASP A N   1 
ATOM   232 C CA  . ASP A 1 30 ? -1.693  2.196   -5.678  1.00 8.40  ? 30  ASP A CA  1 
ATOM   233 C C   . ASP A 1 30 ? -1.580  2.019   -4.179  1.00 9.75  ? 30  ASP A C   1 
ATOM   234 O O   . ASP A 1 30 ? -2.552  2.245   -3.459  1.00 13.38 ? 30  ASP A O   1 
ATOM   235 C CB  . ASP A 1 30 ? -0.985  3.490   -6.007  1.00 11.76 ? 30  ASP A CB  1 
ATOM   236 C CG  . ASP A 1 30 ? -1.179  4.075   -7.390  1.00 15.93 ? 30  ASP A CG  1 
ATOM   237 O OD1 . ASP A 1 30 ? -0.748  3.450   -8.357  1.00 19.52 ? 30  ASP A OD1 1 
ATOM   238 O OD2 . ASP A 1 30 ? -1.743  5.165   -7.493  1.00 17.05 ? 30  ASP A OD2 1 
ATOM   239 N N   . SER A 1 31 ? -0.392  1.716   -3.707  1.00 10.84 ? 31  SER A N   1 
ATOM   240 C CA  . SER A 1 31 ? -0.142  1.518   -2.288  1.00 13.28 ? 31  SER A CA  1 
ATOM   241 C C   . SER A 1 31 ? 0.842   2.590   -1.894  1.00 11.31 ? 31  SER A C   1 
ATOM   242 O O   . SER A 1 31 ? 1.868   2.781   -2.546  1.00 13.65 ? 31  SER A O   1 
ATOM   243 C CB  . SER A 1 31 ? 0.470   0.146   -2.046  1.00 9.44  ? 31  SER A CB  1 
ATOM   244 O OG  . SER A 1 31 ? -0.373  -0.825  -2.643  1.00 5.24  ? 31  SER A OG  1 
ATOM   245 N N   . ILE A 1 32 ? 0.588   3.337   -0.844  1.00 17.20 ? 32  ILE A N   1 
ATOM   246 C CA  . ILE A 1 32 ? 1.472   4.425   -0.486  1.00 12.62 ? 32  ILE A CA  1 
ATOM   247 C C   . ILE A 1 32 ? 1.566   4.331   1.034   1.00 13.02 ? 32  ILE A C   1 
ATOM   248 O O   . ILE A 1 32 ? 0.597   4.089   1.765   1.00 14.96 ? 32  ILE A O   1 
ATOM   249 C CB  . ILE A 1 32 ? 0.894   5.799   -1.120  1.00 17.57 ? 32  ILE A CB  1 
ATOM   250 C CG1 . ILE A 1 32 ? 0.923   6.850   -0.064  1.00 18.55 ? 32  ILE A CG1 1 
ATOM   251 C CG2 . ILE A 1 32 ? -0.513  5.681   -1.768  1.00 18.81 ? 32  ILE A CG2 1 
ATOM   252 C CD1 . ILE A 1 32 ? 2.218   7.599   -0.184  1.00 20.89 ? 32  ILE A CD1 1 
ATOM   253 N N   . VAL A 1 33 ? 2.828   4.407   1.450   1.00 9.09  ? 33  VAL A N   1 
ATOM   254 C CA  . VAL A 1 33 ? 3.285   4.188   2.796   1.00 8.27  ? 33  VAL A CA  1 
ATOM   255 C C   . VAL A 1 33 ? 4.071   5.406   3.233   1.00 11.03 ? 33  VAL A C   1 
ATOM   256 O O   . VAL A 1 33 ? 4.610   6.125   2.409   1.00 14.36 ? 33  VAL A O   1 
ATOM   257 C CB  . VAL A 1 33 ? 4.108   2.872   2.689   1.00 8.40  ? 33  VAL A CB  1 
ATOM   258 C CG1 . VAL A 1 33 ? 5.293   2.793   3.636   1.00 7.05  ? 33  VAL A CG1 1 
ATOM   259 C CG2 . VAL A 1 33 ? 3.151   1.745   3.005   1.00 3.79  ? 33  VAL A CG2 1 
ATOM   260 N N   . THR A 1 34 ? 4.127   5.682   4.514   1.00 16.88 ? 34  THR A N   1 
ATOM   261 C CA  . THR A 1 34 ? 4.974   6.706   5.055   1.00 15.81 ? 34  THR A CA  1 
ATOM   262 C C   . THR A 1 34 ? 5.826   6.125   6.185   1.00 14.60 ? 34  THR A C   1 
ATOM   263 O O   . THR A 1 34 ? 5.667   4.991   6.660   1.00 14.45 ? 34  THR A O   1 
ATOM   264 C CB  . THR A 1 34 ? 4.100   7.847   5.571   1.00 22.48 ? 34  THR A CB  1 
ATOM   265 O OG1 . THR A 1 34 ? 5.037   8.895   5.863   1.00 24.15 ? 34  THR A OG1 1 
ATOM   266 C CG2 . THR A 1 34 ? 3.185   7.456   6.747   1.00 16.44 ? 34  THR A CG2 1 
ATOM   267 N N   . GLY A 1 35 ? 6.804   6.925   6.592   1.00 11.79 ? 35  GLY A N   1 
ATOM   268 C CA  . GLY A 1 35 ? 7.653   6.589   7.720   1.00 13.09 ? 35  GLY A CA  1 
ATOM   269 C C   . GLY A 1 35 ? 8.575   5.402   7.545   1.00 16.20 ? 35  GLY A C   1 
ATOM   270 O O   . GLY A 1 35 ? 8.955   4.755   8.514   1.00 17.58 ? 35  GLY A O   1 
ATOM   271 N N   . ILE A 1 36 ? 8.960   5.168   6.304   1.00 20.75 ? 36  ILE A N   1 
ATOM   272 C CA  . ILE A 1 36 ? 9.860   4.113   5.888   1.00 20.43 ? 36  ILE A CA  1 
ATOM   273 C C   . ILE A 1 36 ? 10.746  4.832   4.881   1.00 22.87 ? 36  ILE A C   1 
ATOM   274 O O   . ILE A 1 36 ? 10.346  5.864   4.306   1.00 16.18 ? 36  ILE A O   1 
ATOM   275 C CB  . ILE A 1 36 ? 8.906   3.021   5.359   1.00 22.00 ? 36  ILE A CB  1 
ATOM   276 C CG1 . ILE A 1 36 ? 8.991   2.008   6.451   1.00 23.42 ? 36  ILE A CG1 1 
ATOM   277 C CG2 . ILE A 1 36 ? 9.163   2.429   3.989   1.00 14.69 ? 36  ILE A CG2 1 
ATOM   278 C CD1 . ILE A 1 36 ? 7.791   1.059   6.356   1.00 32.11 ? 36  ILE A CD1 1 
ATOM   279 N N   . GLU A 1 37 ? 11.999  4.400   4.742   1.00 26.12 ? 37  GLU A N   1 
ATOM   280 C CA  . GLU A 1 37 ? 12.844  4.983   3.716   1.00 26.33 ? 37  GLU A CA  1 
ATOM   281 C C   . GLU A 1 37 ? 13.209  3.834   2.799   1.00 25.99 ? 37  GLU A C   1 
ATOM   282 O O   . GLU A 1 37 ? 13.509  2.734   3.293   1.00 27.40 ? 37  GLU A O   1 
ATOM   283 C CB  . GLU A 1 37 ? 14.125  5.588   4.321   1.00 33.95 ? 37  GLU A CB  1 
ATOM   284 N N   . LEU A 1 38 ? 13.088  4.012   1.471   1.00 25.45 ? 38  LEU A N   1 
ATOM   285 C CA  . LEU A 1 38 ? 13.461  2.949   0.545   1.00 22.36 ? 38  LEU A CA  1 
ATOM   286 C C   . LEU A 1 38 ? 14.572  3.365   -0.420  1.00 24.04 ? 38  LEU A C   1 
ATOM   287 O O   . LEU A 1 38 ? 15.013  2.599   -1.283  1.00 25.37 ? 38  LEU A O   1 
ATOM   288 C CB  . LEU A 1 38 ? 12.208  2.485   -0.196  1.00 17.24 ? 38  LEU A CB  1 
ATOM   289 C CG  . LEU A 1 38 ? 10.993  2.083   0.686   1.00 18.47 ? 38  LEU A CG  1 
ATOM   290 C CD1 . LEU A 1 38 ? 9.868   1.608   -0.224  1.00 16.43 ? 38  LEU A CD1 1 
ATOM   291 C CD2 . LEU A 1 38 ? 11.364  1.001   1.688   1.00 6.41  ? 38  LEU A CD2 1 
ATOM   292 N N   . GLY A 1 39 ? 15.076  4.592   -0.278  1.00 24.95 ? 39  GLY A N   1 
ATOM   293 C CA  . GLY A 1 39 ? 16.276  4.986   -0.988  1.00 22.88 ? 39  GLY A CA  1 
ATOM   294 C C   . GLY A 1 39 ? 16.067  5.893   -2.197  1.00 25.52 ? 39  GLY A C   1 
ATOM   295 O O   . GLY A 1 39 ? 15.024  6.518   -2.365  1.00 30.75 ? 39  GLY A O   1 
ATOM   296 N N   . PRO A 1 40 ? 17.066  6.030   -3.067  1.00 22.34 ? 40  PRO A N   1 
ATOM   297 C CA  . PRO A 1 40 ? 17.104  7.089   -4.052  1.00 17.54 ? 40  PRO A CA  1 
ATOM   298 C C   . PRO A 1 40 ? 16.716  6.646   -5.423  1.00 16.15 ? 40  PRO A C   1 
ATOM   299 O O   . PRO A 1 40 ? 16.793  7.423   -6.361  1.00 12.59 ? 40  PRO A O   1 
ATOM   300 C CB  . PRO A 1 40 ? 18.507  7.576   -4.001  1.00 25.43 ? 40  PRO A CB  1 
ATOM   301 C CG  . PRO A 1 40 ? 19.250  6.252   -3.894  1.00 25.69 ? 40  PRO A CG  1 
ATOM   302 C CD  . PRO A 1 40 ? 18.403  5.472   -2.882  1.00 23.24 ? 40  PRO A CD  1 
ATOM   303 N N   . HIS A 1 41 ? 16.373  5.393   -5.608  1.00 17.84 ? 41  HIS A N   1 
ATOM   304 C CA  . HIS A 1 41 ? 16.042  4.955   -6.940  1.00 20.35 ? 41  HIS A CA  1 
ATOM   305 C C   . HIS A 1 41 ? 14.545  4.996   -7.012  1.00 19.28 ? 41  HIS A C   1 
ATOM   306 O O   . HIS A 1 41 ? 13.904  3.966   -6.828  1.00 21.56 ? 41  HIS A O   1 
ATOM   307 C CB  . HIS A 1 41 ? 16.545  3.540   -7.185  1.00 24.80 ? 41  HIS A CB  1 
ATOM   308 C CG  . HIS A 1 41 ? 18.038  3.569   -7.379  1.00 28.95 ? 41  HIS A CG  1 
ATOM   309 N ND1 . HIS A 1 41 ? 18.976  3.271   -6.496  1.00 30.50 ? 41  HIS A ND1 1 
ATOM   310 C CD2 . HIS A 1 41 ? 18.643  3.983   -8.534  1.00 32.07 ? 41  HIS A CD2 1 
ATOM   311 C CE1 . HIS A 1 41 ? 20.134  3.499   -7.058  1.00 35.22 ? 41  HIS A CE1 1 
ATOM   312 N NE2 . HIS A 1 41 ? 19.918  3.926   -8.279  1.00 37.97 ? 41  HIS A NE2 1 
ATOM   313 N N   . TYR A 1 42 ? 14.020  6.195   -7.220  1.00 18.94 ? 42  TYR A N   1 
ATOM   314 C CA  . TYR A 1 42 ? 12.609  6.372   -7.380  1.00 17.52 ? 42  TYR A CA  1 
ATOM   315 C C   . TYR A 1 42 ? 12.259  7.314   -8.528  1.00 16.71 ? 42  TYR A C   1 
ATOM   316 O O   . TYR A 1 42 ? 13.069  8.142   -8.920  1.00 16.50 ? 42  TYR A O   1 
ATOM   317 C CB  . TYR A 1 42 ? 12.047  6.890   -6.052  1.00 18.22 ? 42  TYR A CB  1 
ATOM   318 C CG  . TYR A 1 42 ? 12.504  8.263   -5.647  1.00 11.20 ? 42  TYR A CG  1 
ATOM   319 C CD1 . TYR A 1 42 ? 11.862  9.371   -6.168  1.00 16.58 ? 42  TYR A CD1 1 
ATOM   320 C CD2 . TYR A 1 42 ? 13.591  8.399   -4.809  1.00 16.69 ? 42  TYR A CD2 1 
ATOM   321 C CE1 . TYR A 1 42 ? 12.302  10.653  -5.868  1.00 14.90 ? 42  TYR A CE1 1 
ATOM   322 C CE2 . TYR A 1 42 ? 14.049  9.682   -4.496  1.00 19.89 ? 42  TYR A CE2 1 
ATOM   323 C CZ  . TYR A 1 42 ? 13.396  10.799  -5.038  1.00 16.04 ? 42  TYR A CZ  1 
ATOM   324 O OH  . TYR A 1 42 ? 13.817  12.078  -4.738  1.00 18.63 ? 42  TYR A OH  1 
ATOM   325 N N   . THR A 1 43 ? 11.025  7.240   -9.013  1.00 18.98 ? 43  THR A N   1 
ATOM   326 C CA  . THR A 1 43 ? 10.473  8.190   -9.954  1.00 18.41 ? 43  THR A CA  1 
ATOM   327 C C   . THR A 1 43 ? 9.495   8.969   -9.096  1.00 17.53 ? 43  THR A C   1 
ATOM   328 O O   . THR A 1 43 ? 8.777   8.333   -8.322  1.00 13.21 ? 43  THR A O   1 
ATOM   329 C CB  . THR A 1 43 ? 9.667   7.531   -11.044 1.00 23.70 ? 43  THR A CB  1 
ATOM   330 O OG1 . THR A 1 43 ? 10.450  6.425   -11.498 1.00 36.40 ? 43  THR A OG1 1 
ATOM   331 C CG2 . THR A 1 43 ? 9.342   8.490   -12.209 1.00 26.74 ? 43  THR A CG2 1 
ATOM   332 N N   . PRO A 1 44 ? 9.391   10.296  -9.168  1.00 16.70 ? 44  PRO A N   1 
ATOM   333 C CA  . PRO A 1 44 ? 8.430   11.108  -8.420  1.00 15.50 ? 44  PRO A CA  1 
ATOM   334 C C   . PRO A 1 44 ? 7.024   10.911  -8.953  1.00 17.62 ? 44  PRO A C   1 
ATOM   335 O O   . PRO A 1 44 ? 6.919   10.656  -10.151 1.00 23.21 ? 44  PRO A O   1 
ATOM   336 C CB  . PRO A 1 44 ? 8.918   12.526  -8.604  1.00 19.07 ? 44  PRO A CB  1 
ATOM   337 C CG  . PRO A 1 44 ? 10.280  12.400  -9.288  1.00 15.45 ? 44  PRO A CG  1 
ATOM   338 C CD  . PRO A 1 44 ? 10.100  11.139  -10.116 1.00 12.66 ? 44  PRO A CD  1 
ATOM   339 N N   . LYS A 1 45 ? 5.935   11.045  -8.199  1.00 18.04 ? 45  LYS A N   1 
ATOM   340 C CA  . LYS A 1 45 ? 4.582   10.870  -8.721  1.00 18.30 ? 45  LYS A CA  1 
ATOM   341 C C   . LYS A 1 45 ? 3.596   11.753  -7.954  1.00 15.66 ? 45  LYS A C   1 
ATOM   342 O O   . LYS A 1 45 ? 3.893   12.218  -6.852  1.00 13.55 ? 45  LYS A O   1 
ATOM   343 C CB  . LYS A 1 45 ? 4.078   9.424   -8.564  1.00 21.28 ? 45  LYS A CB  1 
ATOM   344 C CG  . LYS A 1 45 ? 4.719   8.295   -9.324  1.00 19.37 ? 45  LYS A CG  1 
ATOM   345 C CD  . LYS A 1 45 ? 4.295   8.139   -10.769 1.00 20.38 ? 45  LYS A CD  1 
ATOM   346 C CE  . LYS A 1 45 ? 5.301   7.123   -11.323 1.00 24.52 ? 45  LYS A CE  1 
ATOM   347 N NZ  . LYS A 1 45 ? 5.145   6.753   -12.719 1.00 27.17 ? 45  LYS A NZ  1 
ATOM   348 N N   . ILE A 1 46 ? 2.410   12.032  -8.476  1.00 16.34 ? 46  ILE A N   1 
ATOM   349 C CA  . ILE A 1 46 ? 1.390   12.712  -7.695  1.00 20.79 ? 46  ILE A CA  1 
ATOM   350 C C   . ILE A 1 46 ? 0.158   11.805  -7.797  1.00 23.24 ? 46  ILE A C   1 
ATOM   351 O O   . ILE A 1 46 ? -0.166  11.219  -8.846  1.00 24.03 ? 46  ILE A O   1 
ATOM   352 C CB  . ILE A 1 46 ? 1.099   14.163  -8.228  1.00 22.18 ? 46  ILE A CB  1 
ATOM   353 C CG1 . ILE A 1 46 ? 0.971   14.173  -9.720  1.00 27.90 ? 46  ILE A CG1 1 
ATOM   354 C CG2 . ILE A 1 46 ? 2.219   15.119  -7.793  1.00 19.47 ? 46  ILE A CG2 1 
ATOM   355 C CD1 . ILE A 1 46 ? -0.510  14.459  -10.097 1.00 38.36 ? 46  ILE A CD1 1 
ATOM   356 N N   . VAL A 1 47 ? -0.448  11.532  -6.650  1.00 20.63 ? 47  VAL A N   1 
ATOM   357 C CA  . VAL A 1 47 ? -1.650  10.717  -6.619  1.00 20.46 ? 47  VAL A CA  1 
ATOM   358 C C   . VAL A 1 47 ? -2.721  11.593  -5.973  1.00 20.47 ? 47  VAL A C   1 
ATOM   359 O O   . VAL A 1 47 ? -2.457  12.412  -5.074  1.00 18.75 ? 47  VAL A O   1 
ATOM   360 C CB  . VAL A 1 47 ? -1.480  9.404   -5.767  1.00 19.45 ? 47  VAL A CB  1 
ATOM   361 C CG1 . VAL A 1 47 ? -0.501  8.466   -6.418  1.00 20.49 ? 47  VAL A CG1 1 
ATOM   362 C CG2 . VAL A 1 47 ? -0.927  9.707   -4.405  1.00 19.06 ? 47  VAL A CG2 1 
ATOM   363 N N   . GLY A 1 48 ? -3.935  11.479  -6.462  1.00 20.53 ? 48  GLY A N   1 
ATOM   364 C CA  . GLY A 1 48 ? -5.053  12.191  -5.898  1.00 18.41 ? 48  GLY A CA  1 
ATOM   365 C C   . GLY A 1 48 ? -5.837  11.278  -5.006  1.00 17.39 ? 48  GLY A C   1 
ATOM   366 O O   . GLY A 1 48 ? -5.803  10.066  -5.196  1.00 13.96 ? 48  GLY A O   1 
ATOM   367 N N   . GLY A 1 49 ? -6.507  11.888  -4.047  1.00 19.53 ? 49  GLY A N   1 
ATOM   368 C CA  . GLY A 1 49 ? -7.418  11.227  -3.135  1.00 24.22 ? 49  GLY A CA  1 
ATOM   369 C C   . GLY A 1 49 ? -8.610  12.166  -2.928  1.00 24.30 ? 49  GLY A C   1 
ATOM   370 O O   . GLY A 1 49 ? -8.771  13.127  -3.678  1.00 21.24 ? 49  GLY A O   1 
ATOM   371 N N   . ILE A 1 50 ? -9.434  11.954  -1.898  1.00 30.48 ? 50  ILE A N   1 
ATOM   372 C CA  . ILE A 1 50 ? -10.579 12.797  -1.569  1.00 29.13 ? 50  ILE A CA  1 
ATOM   373 C C   . ILE A 1 50 ? -10.230 14.258  -1.501  1.00 30.14 ? 50  ILE A C   1 
ATOM   374 O O   . ILE A 1 50 ? -10.713 14.999  -2.357  1.00 35.01 ? 50  ILE A O   1 
ATOM   375 C CB  . ILE A 1 50 ? -11.237 12.318  -0.205  1.00 30.71 ? 50  ILE A CB  1 
ATOM   376 C CG1 . ILE A 1 50 ? -12.210 11.202  -0.597  1.00 30.20 ? 50  ILE A CG1 1 
ATOM   377 C CG2 . ILE A 1 50 ? -12.003 13.388  0.593   1.00 31.44 ? 50  ILE A CG2 1 
ATOM   378 C CD1 . ILE A 1 50 ? -13.264 11.571  -1.673  1.00 28.99 ? 50  ILE A CD1 1 
ATOM   379 N N   . GLY A 1 51 ? -9.365  14.716  -0.601  1.00 26.73 ? 51  GLY A N   1 
ATOM   380 C CA  . GLY A 1 51 ? -9.247  16.165  -0.484  1.00 26.97 ? 51  GLY A CA  1 
ATOM   381 C C   . GLY A 1 51 ? -8.236  16.871  -1.378  1.00 23.72 ? 51  GLY A C   1 
ATOM   382 O O   . GLY A 1 51 ? -7.895  18.021  -1.087  1.00 26.97 ? 51  GLY A O   1 
ATOM   383 N N   . GLY A 1 52 ? -7.710  16.273  -2.437  1.00 22.26 ? 52  GLY A N   1 
ATOM   384 C CA  . GLY A 1 52 ? -6.600  16.880  -3.141  1.00 17.83 ? 52  GLY A CA  1 
ATOM   385 C C   . GLY A 1 52 ? -5.536  15.837  -3.395  1.00 14.00 ? 52  GLY A C   1 
ATOM   386 O O   . GLY A 1 52 ? -5.829  14.643  -3.415  1.00 16.47 ? 52  GLY A O   1 
ATOM   387 N N   . PHE A 1 53 ? -4.281  16.221  -3.563  1.00 15.21 ? 53  PHE A N   1 
ATOM   388 C CA  . PHE A 1 53 ? -3.276  15.281  -4.033  1.00 13.62 ? 53  PHE A CA  1 
ATOM   389 C C   . PHE A 1 53 ? -1.984  15.384  -3.275  1.00 10.89 ? 53  PHE A C   1 
ATOM   390 O O   . PHE A 1 53 ? -1.798  16.358  -2.570  1.00 11.31 ? 53  PHE A O   1 
ATOM   391 C CB  . PHE A 1 53 ? -3.003  15.498  -5.547  1.00 12.16 ? 53  PHE A CB  1 
ATOM   392 C CG  . PHE A 1 53 ? -2.607  16.903  -5.973  1.00 10.18 ? 53  PHE A CG  1 
ATOM   393 C CD1 . PHE A 1 53 ? -1.321  17.387  -5.728  1.00 16.13 ? 53  PHE A CD1 1 
ATOM   394 C CD2 . PHE A 1 53 ? -3.533  17.705  -6.611  1.00 10.45 ? 53  PHE A CD2 1 
ATOM   395 C CE1 . PHE A 1 53 ? -0.970  18.677  -6.120  1.00 10.68 ? 53  PHE A CE1 1 
ATOM   396 C CE2 . PHE A 1 53 ? -3.181  18.985  -6.994  1.00 11.21 ? 53  PHE A CE2 1 
ATOM   397 C CZ  . PHE A 1 53 ? -1.906  19.474  -6.747  1.00 11.43 ? 53  PHE A CZ  1 
ATOM   398 N N   . ILE A 1 54 ? -1.098  14.409  -3.409  1.00 13.11 ? 54  ILE A N   1 
ATOM   399 C CA  . ILE A 1 54 ? 0.196   14.419  -2.747  1.00 13.87 ? 54  ILE A CA  1 
ATOM   400 C C   . ILE A 1 54 ? 1.350   14.017  -3.669  1.00 15.29 ? 54  ILE A C   1 
ATOM   401 O O   . ILE A 1 54 ? 1.190   13.325  -4.689  1.00 15.19 ? 54  ILE A O   1 
ATOM   402 C CB  . ILE A 1 54 ? 0.185   13.464  -1.534  1.00 12.79 ? 54  ILE A CB  1 
ATOM   403 C CG1 . ILE A 1 54 ? -0.421  12.089  -1.875  1.00 6.78  ? 54  ILE A CG1 1 
ATOM   404 C CG2 . ILE A 1 54 ? -0.516  14.238  -0.405  1.00 12.13 ? 54  ILE A CG2 1 
ATOM   405 C CD1 . ILE A 1 54 ? 0.040   11.100  -0.821  1.00 3.60  ? 54  ILE A CD1 1 
ATOM   406 N N   . ASN A 1 55 ? 2.537   14.467  -3.278  1.00 15.89 ? 55  ASN A N   1 
ATOM   407 C CA  . ASN A 1 55 ? 3.787   14.131  -3.951  1.00 16.75 ? 55  ASN A CA  1 
ATOM   408 C C   . ASN A 1 55 ? 4.225   12.796  -3.430  1.00 9.51  ? 55  ASN A C   1 
ATOM   409 O O   . ASN A 1 55 ? 4.276   12.661  -2.210  1.00 11.86 ? 55  ASN A O   1 
ATOM   410 C CB  . ASN A 1 55 ? 4.896   15.087  -3.615  1.00 19.36 ? 55  ASN A CB  1 
ATOM   411 C CG  . ASN A 1 55 ? 4.554   16.481  -4.074  1.00 29.44 ? 55  ASN A CG  1 
ATOM   412 O OD1 . ASN A 1 55 ? 4.255   16.766  -5.239  1.00 32.31 ? 55  ASN A OD1 1 
ATOM   413 N ND2 . ASN A 1 55 ? 4.559   17.391  -3.110  1.00 35.66 ? 55  ASN A ND2 1 
ATOM   414 N N   . THR A 1 56 ? 4.540   11.815  -4.250  1.00 11.71 ? 56  THR A N   1 
ATOM   415 C CA  . THR A 1 56 ? 5.061   10.522  -3.792  1.00 14.95 ? 56  THR A CA  1 
ATOM   416 C C   . THR A 1 56 ? 6.339   10.156  -4.569  1.00 14.82 ? 56  THR A C   1 
ATOM   417 O O   . THR A 1 56 ? 6.701   10.743  -5.610  1.00 10.86 ? 56  THR A O   1 
ATOM   418 C CB  . THR A 1 56 ? 4.008   9.387   -3.974  1.00 11.09 ? 56  THR A CB  1 
ATOM   419 O OG1 . THR A 1 56 ? 3.665   9.241   -5.358  1.00 11.06 ? 56  THR A OG1 1 
ATOM   420 C CG2 . THR A 1 56 ? 2.764   9.715   -3.148  1.00 12.24 ? 56  THR A CG2 1 
ATOM   421 N N   . LYS A 1 57 ? 7.041   9.182   -4.003  1.00 13.94 ? 57  LYS A N   1 
ATOM   422 C CA  . LYS A 1 57 ? 8.254   8.606   -4.568  1.00 11.16 ? 57  LYS A CA  1 
ATOM   423 C C   . LYS A 1 57 ? 7.882   7.189   -4.898  1.00 9.02  ? 57  LYS A C   1 
ATOM   424 O O   . LYS A 1 57 ? 7.570   6.439   -3.968  1.00 11.35 ? 57  LYS A O   1 
ATOM   425 C CB  . LYS A 1 57 ? 9.351   8.584   -3.545  1.00 16.93 ? 57  LYS A CB  1 
ATOM   426 C CG  . LYS A 1 57 ? 9.778   9.968   -3.137  1.00 19.02 ? 57  LYS A CG  1 
ATOM   427 C CD  . LYS A 1 57 ? 10.690  9.829   -1.962  1.00 21.92 ? 57  LYS A CD  1 
ATOM   428 C CE  . LYS A 1 57 ? 11.395  11.160  -1.843  1.00 28.91 ? 57  LYS A CE  1 
ATOM   429 N NZ  . LYS A 1 57 ? 12.140  11.230  -0.600  1.00 32.53 ? 57  LYS A NZ  1 
ATOM   430 N N   . GLU A 1 58 ? 7.847   6.793   -6.160  1.00 9.21  ? 58  GLU A N   1 
ATOM   431 C CA  . GLU A 1 58 ? 7.452   5.454   -6.530  1.00 7.98  ? 58  GLU A CA  1 
ATOM   432 C C   . GLU A 1 58 ? 8.678   4.588   -6.625  1.00 8.33  ? 58  GLU A C   1 
ATOM   433 O O   . GLU A 1 58 ? 9.646   4.970   -7.286  1.00 10.01 ? 58  GLU A O   1 
ATOM   434 C CB  . GLU A 1 58 ? 6.748   5.504   -7.849  1.00 11.20 ? 58  GLU A CB  1 
ATOM   435 C CG  . GLU A 1 58 ? 6.406   4.121   -8.327  1.00 20.24 ? 58  GLU A CG  1 
ATOM   436 C CD  . GLU A 1 58 ? 5.797   4.126   -9.709  1.00 24.52 ? 58  GLU A CD  1 
ATOM   437 O OE1 . GLU A 1 58 ? 6.542   4.084   -10.682 1.00 27.84 ? 58  GLU A OE1 1 
ATOM   438 O OE2 . GLU A 1 58 ? 4.573   4.175   -9.796  1.00 30.41 ? 58  GLU A OE2 1 
ATOM   439 N N   . TYR A 1 59 ? 8.628   3.438   -5.973  1.00 7.76  ? 59  TYR A N   1 
ATOM   440 C CA  . TYR A 1 59 ? 9.706   2.478   -5.921  1.00 5.35  ? 59  TYR A CA  1 
ATOM   441 C C   . TYR A 1 59 ? 9.146   1.252   -6.585  1.00 11.29 ? 59  TYR A C   1 
ATOM   442 O O   . TYR A 1 59 ? 7.965   0.937   -6.421  1.00 15.72 ? 59  TYR A O   1 
ATOM   443 C CB  . TYR A 1 59 ? 10.050  2.080   -4.528  1.00 4.79  ? 59  TYR A CB  1 
ATOM   444 C CG  . TYR A 1 59 ? 10.675  3.218   -3.759  1.00 11.71 ? 59  TYR A CG  1 
ATOM   445 C CD1 . TYR A 1 59 ? 12.054  3.486   -3.880  1.00 10.74 ? 59  TYR A CD1 1 
ATOM   446 C CD2 . TYR A 1 59 ? 9.851   4.023   -2.970  1.00 11.58 ? 59  TYR A CD2 1 
ATOM   447 C CE1 . TYR A 1 59 ? 12.602  4.584   -3.207  1.00 11.33 ? 59  TYR A CE1 1 
ATOM   448 C CE2 . TYR A 1 59 ? 10.399  5.118   -2.309  1.00 13.02 ? 59  TYR A CE2 1 
ATOM   449 C CZ  . TYR A 1 59 ? 11.766  5.395   -2.432  1.00 13.78 ? 59  TYR A CZ  1 
ATOM   450 O OH  . TYR A 1 59 ? 12.276  6.511   -1.785  1.00 18.92 ? 59  TYR A OH  1 
ATOM   451 N N   . LYS A 1 60 ? 9.977   0.522   -7.328  1.00 14.12 ? 60  LYS A N   1 
ATOM   452 C CA  . LYS A 1 60 ? 9.561   -0.682  -8.019  1.00 11.23 ? 60  LYS A CA  1 
ATOM   453 C C   . LYS A 1 60 ? 10.301  -1.836  -7.362  1.00 15.28 ? 60  LYS A C   1 
ATOM   454 O O   . LYS A 1 60 ? 11.398  -1.717  -6.776  1.00 11.28 ? 60  LYS A O   1 
ATOM   455 C CB  . LYS A 1 60 ? 9.936   -0.646  -9.489  1.00 8.27  ? 60  LYS A CB  1 
ATOM   456 C CG  . LYS A 1 60 ? 9.285   0.383   -10.413 1.00 10.81 ? 60  LYS A CG  1 
ATOM   457 C CD  . LYS A 1 60 ? 8.582   -0.363  -11.552 1.00 14.70 ? 60  LYS A CD  1 
ATOM   458 C CE  . LYS A 1 60 ? 7.912   0.540   -12.558 1.00 11.20 ? 60  LYS A CE  1 
ATOM   459 N NZ  . LYS A 1 60 ? 8.952   1.207   -13.298 1.00 17.46 ? 60  LYS A NZ  1 
ATOM   460 N N   . ASN A 1 61 ? 9.601   -2.955  -7.502  1.00 16.20 ? 61  ASN A N   1 
ATOM   461 C CA  . ASN A 1 61 ? 10.073  -4.260  -7.035  1.00 20.14 ? 61  ASN A CA  1 
ATOM   462 C C   . ASN A 1 61 ? 10.688  -4.279  -5.652  1.00 16.96 ? 61  ASN A C   1 
ATOM   463 O O   . ASN A 1 61 ? 11.714  -4.890  -5.387  1.00 19.43 ? 61  ASN A O   1 
ATOM   464 C CB  . ASN A 1 61 ? 11.091  -4.879  -8.041  1.00 22.40 ? 61  ASN A CB  1 
ATOM   465 C CG  . ASN A 1 61 ? 10.494  -5.455  -9.328  1.00 23.59 ? 61  ASN A CG  1 
ATOM   466 O OD1 . ASN A 1 61 ? 10.597  -4.853  -10.398 1.00 27.10 ? 61  ASN A OD1 1 
ATOM   467 N ND2 . ASN A 1 61 ? 9.832   -6.608  -9.342  1.00 18.46 ? 61  ASN A ND2 1 
ATOM   468 N N   . VAL A 1 62 ? 9.953   -3.620  -4.763  1.00 17.52 ? 62  VAL A N   1 
ATOM   469 C CA  . VAL A 1 62 ? 10.232  -3.599  -3.328  1.00 14.26 ? 62  VAL A CA  1 
ATOM   470 C C   . VAL A 1 62 ? 9.790   -4.922  -2.715  1.00 12.16 ? 62  VAL A C   1 
ATOM   471 O O   . VAL A 1 62 ? 8.800   -5.441  -3.240  1.00 10.91 ? 62  VAL A O   1 
ATOM   472 C CB  . VAL A 1 62 ? 9.453   -2.461  -2.689  1.00 9.94  ? 62  VAL A CB  1 
ATOM   473 C CG1 . VAL A 1 62 ? 9.625   -2.449  -1.181  1.00 9.35  ? 62  VAL A CG1 1 
ATOM   474 C CG2 . VAL A 1 62 ? 9.968   -1.182  -3.281  1.00 4.02  ? 62  VAL A CG2 1 
ATOM   475 N N   . GLU A 1 63 ? 10.426  -5.515  -1.691  1.00 13.69 ? 63  GLU A N   1 
ATOM   476 C CA  . GLU A 1 63 ? 9.844   -6.706  -1.076  1.00 18.30 ? 63  GLU A CA  1 
ATOM   477 C C   . GLU A 1 63 ? 9.111   -6.440  0.227   1.00 15.37 ? 63  GLU A C   1 
ATOM   478 O O   . GLU A 1 63 ? 9.502   -5.709  1.164   1.00 6.56  ? 63  GLU A O   1 
ATOM   479 C CB  . GLU A 1 63 ? 10.873  -7.820  -0.820  1.00 28.63 ? 63  GLU A CB  1 
ATOM   480 C CG  . GLU A 1 63 ? 12.165  -7.500  -0.117  1.00 40.03 ? 63  GLU A CG  1 
ATOM   481 C CD  . GLU A 1 63 ? 12.809  -8.738  0.497   1.00 48.30 ? 63  GLU A CD  1 
ATOM   482 O OE1 . GLU A 1 63 ? 13.189  -9.634  -0.265  1.00 50.13 ? 63  GLU A OE1 1 
ATOM   483 O OE2 . GLU A 1 63 ? 12.918  -8.794  1.734   1.00 51.22 ? 63  GLU A OE2 1 
ATOM   484 N N   . VAL A 1 64 ? 7.925   -7.038  0.100   1.00 15.35 ? 64  VAL A N   1 
ATOM   485 C CA  . VAL A 1 64 ? 6.809   -6.892  1.017   1.00 10.37 ? 64  VAL A CA  1 
ATOM   486 C C   . VAL A 1 64 ? 6.574   -8.311  1.543   1.00 10.25 ? 64  VAL A C   1 
ATOM   487 O O   . VAL A 1 64 ? 6.559   -9.263  0.763   1.00 13.26 ? 64  VAL A O   1 
ATOM   488 C CB  . VAL A 1 64 ? 5.546   -6.339  0.225   1.00 7.11  ? 64  VAL A CB  1 
ATOM   489 C CG1 . VAL A 1 64 ? 4.473   -6.176  1.240   1.00 2.71  ? 64  VAL A CG1 1 
ATOM   490 C CG2 . VAL A 1 64 ? 5.748   -4.998  -0.522  1.00 2.00  ? 64  VAL A CG2 1 
ATOM   491 N N   . GLU A 1 65 ? 6.434   -8.488  2.859   1.00 12.92 ? 65  GLU A N   1 
ATOM   492 C CA  . GLU A 1 65 ? 6.105   -9.741  3.523   1.00 13.68 ? 65  GLU A CA  1 
ATOM   493 C C   . GLU A 1 65 ? 4.796   -9.410  4.247   1.00 15.10 ? 65  GLU A C   1 
ATOM   494 O O   . GLU A 1 65 ? 4.772   -8.444  5.030   1.00 19.98 ? 65  GLU A O   1 
ATOM   495 C CB  . GLU A 1 65 ? 7.228   -10.084 4.507   1.00 20.56 ? 65  GLU A CB  1 
ATOM   496 C CG  . GLU A 1 65 ? 6.972   -11.323 5.389   1.00 30.92 ? 65  GLU A CG  1 
ATOM   497 C CD  . GLU A 1 65 ? 8.027   -11.611 6.461   1.00 36.18 ? 65  GLU A CD  1 
ATOM   498 O OE1 . GLU A 1 65 ? 8.198   -10.815 7.391   1.00 39.85 ? 65  GLU A OE1 1 
ATOM   499 O OE2 . GLU A 1 65 ? 8.682   -12.648 6.370   1.00 42.86 ? 65  GLU A OE2 1 
ATOM   500 N N   . VAL A 1 66 ? 3.672   -10.091 4.036   1.00 15.01 ? 66  VAL A N   1 
ATOM   501 C CA  . VAL A 1 66 ? 2.370   -9.745  4.646   1.00 12.15 ? 66  VAL A CA  1 
ATOM   502 C C   . VAL A 1 66 ? 1.467   -10.968 4.505   1.00 12.70 ? 66  VAL A C   1 
ATOM   503 O O   . VAL A 1 66 ? 1.510   -11.672 3.508   1.00 7.43  ? 66  VAL A O   1 
ATOM   504 C CB  . VAL A 1 66 ? 1.697   -8.501  3.921   1.00 9.68  ? 66  VAL A CB  1 
ATOM   505 C CG1 . VAL A 1 66 ? 1.475   -8.837  2.442   1.00 9.37  ? 66  VAL A CG1 1 
ATOM   506 C CG2 . VAL A 1 66 ? 0.373   -8.103  4.598   1.00 2.09  ? 66  VAL A CG2 1 
ATOM   507 N N   . LEU A 1 67 ? 0.653   -11.269 5.509   1.00 18.61 ? 67  LEU A N   1 
ATOM   508 C CA  . LEU A 1 67 ? -0.269  -12.413 5.512   1.00 17.95 ? 67  LEU A CA  1 
ATOM   509 C C   . LEU A 1 67 ? 0.309   -13.748 5.056   1.00 19.23 ? 67  LEU A C   1 
ATOM   510 O O   . LEU A 1 67 ? -0.314  -14.510 4.316   1.00 27.31 ? 67  LEU A O   1 
ATOM   511 C CB  . LEU A 1 67 ? -1.513  -12.086 4.652   1.00 15.07 ? 67  LEU A CB  1 
ATOM   512 C CG  . LEU A 1 67 ? -2.548  -11.055 5.135   1.00 14.77 ? 67  LEU A CG  1 
ATOM   513 C CD1 . LEU A 1 67 ? -3.342  -10.565 3.922   1.00 7.23  ? 67  LEU A CD1 1 
ATOM   514 C CD2 . LEU A 1 67 ? -3.409  -11.656 6.256   1.00 14.01 ? 67  LEU A CD2 1 
ATOM   515 N N   . GLY A 1 68 ? 1.506   -14.067 5.548   1.00 18.60 ? 68  GLY A N   1 
ATOM   516 C CA  . GLY A 1 68 ? 2.173   -15.306 5.181   1.00 23.36 ? 68  GLY A CA  1 
ATOM   517 C C   . GLY A 1 68 ? 2.917   -15.283 3.835   1.00 26.04 ? 68  GLY A C   1 
ATOM   518 O O   . GLY A 1 68 ? 3.534   -16.298 3.516   1.00 31.55 ? 68  GLY A O   1 
ATOM   519 N N   . LYS A 1 69 ? 2.958   -14.229 2.997   1.00 24.29 ? 69  LYS A N   1 
ATOM   520 C CA  . LYS A 1 69 ? 3.665   -14.276 1.727   1.00 20.12 ? 69  LYS A CA  1 
ATOM   521 C C   . LYS A 1 69 ? 4.656   -13.152 1.622   1.00 18.88 ? 69  LYS A C   1 
ATOM   522 O O   . LYS A 1 69 ? 4.610   -12.168 2.373   1.00 15.24 ? 69  LYS A O   1 
ATOM   523 C CB  . LYS A 1 69 ? 2.713   -14.188 0.525   1.00 21.42 ? 69  LYS A CB  1 
ATOM   524 C CG  . LYS A 1 69 ? 1.233   -14.112 0.850   1.00 28.05 ? 69  LYS A CG  1 
ATOM   525 C CD  . LYS A 1 69 ? 0.374   -15.006 -0.016  1.00 33.05 ? 69  LYS A CD  1 
ATOM   526 C CE  . LYS A 1 69 ? -1.110  -14.881 0.433   1.00 39.63 ? 69  LYS A CE  1 
ATOM   527 N NZ  . LYS A 1 69 ? -1.372  -15.349 1.797   1.00 39.28 ? 69  LYS A NZ  1 
ATOM   528 N N   . ARG A 1 70 ? 5.632   -13.423 0.757   1.00 19.65 ? 70  ARG A N   1 
ATOM   529 C CA  . ARG A 1 70 ? 6.665   -12.464 0.406   1.00 19.82 ? 70  ARG A CA  1 
ATOM   530 C C   . ARG A 1 70 ? 6.310   -12.201 -1.043  1.00 18.30 ? 70  ARG A C   1 
ATOM   531 O O   . ARG A 1 70 ? 6.176   -13.163 -1.798  1.00 20.87 ? 70  ARG A O   1 
ATOM   532 C CB  . ARG A 1 70 ? 8.078   -13.025 0.383   1.00 24.71 ? 70  ARG A CB  1 
ATOM   533 C CG  . ARG A 1 70 ? 8.682   -13.416 1.686   1.00 36.00 ? 70  ARG A CG  1 
ATOM   534 C CD  . ARG A 1 70 ? 10.012  -12.703 1.967   1.00 45.38 ? 70  ARG A CD  1 
ATOM   535 N NE  . ARG A 1 70 ? 10.277  -12.899 3.380   1.00 51.46 ? 70  ARG A NE  1 
ATOM   536 C CZ  . ARG A 1 70 ? 11.222  -13.709 3.836   1.00 56.68 ? 70  ARG A CZ  1 
ATOM   537 N NH1 . ARG A 1 70 ? 12.072  -14.334 3.003   1.00 59.23 ? 70  ARG A NH1 1 
ATOM   538 N NH2 . ARG A 1 70 ? 11.297  -13.879 5.166   1.00 59.64 ? 70  ARG A NH2 1 
ATOM   539 N N   . ILE A 1 71 ? 6.098   -10.976 -1.489  1.00 15.45 ? 71  ILE A N   1 
ATOM   540 C CA  . ILE A 1 71 ? 5.798   -10.669 -2.874  1.00 13.64 ? 71  ILE A CA  1 
ATOM   541 C C   . ILE A 1 71 ? 6.707   -9.489  -3.173  1.00 9.42  ? 71  ILE A C   1 
ATOM   542 O O   . ILE A 1 71 ? 7.108   -8.829  -2.218  1.00 14.79 ? 71  ILE A O   1 
ATOM   543 C CB  . ILE A 1 71 ? 4.303   -10.233 -3.086  1.00 15.23 ? 71  ILE A CB  1 
ATOM   544 C CG1 . ILE A 1 71 ? 3.915   -9.123  -2.109  1.00 12.39 ? 71  ILE A CG1 1 
ATOM   545 C CG2 . ILE A 1 71 ? 3.390   -11.454 -2.921  1.00 9.51  ? 71  ILE A CG2 1 
ATOM   546 C CD1 . ILE A 1 71 ? 2.446   -8.651  -2.256  1.00 19.92 ? 71  ILE A CD1 1 
ATOM   547 N N   . LYS A 1 72 ? 7.152   -9.201  -4.387  1.00 10.61 ? 72  LYS A N   1 
ATOM   548 C CA  . LYS A 1 72 ? 7.821   -7.950  -4.601  1.00 10.85 ? 72  LYS A CA  1 
ATOM   549 C C   . LYS A 1 72 ? 6.875   -7.130  -5.458  1.00 14.69 ? 72  LYS A C   1 
ATOM   550 O O   . LYS A 1 72 ? 6.140   -7.684  -6.294  1.00 14.91 ? 72  LYS A O   1 
ATOM   551 C CB  . LYS A 1 72 ? 9.172   -8.192  -5.239  1.00 18.95 ? 72  LYS A CB  1 
ATOM   552 C CG  . LYS A 1 72 ? 9.330   -9.081  -6.413  1.00 30.31 ? 72  LYS A CG  1 
ATOM   553 C CD  . LYS A 1 72 ? 10.838  -9.209  -6.583  1.00 40.72 ? 72  LYS A CD  1 
ATOM   554 C CE  . LYS A 1 72 ? 11.171  -9.755  -7.992  1.00 50.70 ? 72  LYS A CE  1 
ATOM   555 N NZ  . LYS A 1 72 ? 12.603  -10.001 -8.165  1.00 58.30 ? 72  LYS A NZ  1 
ATOM   556 N N   . GLY A 1 73 ? 6.795   -5.815  -5.201  1.00 15.22 ? 73  GLY A N   1 
ATOM   557 C CA  . GLY A 1 73 ? 5.832   -4.954  -5.863  1.00 8.08  ? 73  GLY A CA  1 
ATOM   558 C C   . GLY A 1 73 ? 6.200   -3.519  -5.649  1.00 8.59  ? 73  GLY A C   1 
ATOM   559 O O   . GLY A 1 73 ? 7.224   -3.196  -5.053  1.00 7.98  ? 73  GLY A O   1 
ATOM   560 N N   . THR A 1 74 ? 5.363   -2.657  -6.208  1.00 15.24 ? 74  THR A N   1 
ATOM   561 C CA  . THR A 1 74 ? 5.496   -1.196  -6.223  1.00 13.84 ? 74  THR A CA  1 
ATOM   562 C C   . THR A 1 74 ? 4.929   -0.474  -4.993  1.00 17.36 ? 74  THR A C   1 
ATOM   563 O O   . THR A 1 74 ? 3.701   -0.473  -4.784  1.00 14.62 ? 74  THR A O   1 
ATOM   564 C CB  . THR A 1 74 ? 4.788   -0.664  -7.488  1.00 12.50 ? 74  THR A CB  1 
ATOM   565 O OG1 . THR A 1 74 ? 5.353   -1.395  -8.546  1.00 10.93 ? 74  THR A OG1 1 
ATOM   566 C CG2 . THR A 1 74 ? 4.929   0.823   -7.746  1.00 10.76 ? 74  THR A CG2 1 
ATOM   567 N N   . ILE A 1 75 ? 5.782   0.212   -4.225  1.00 17.29 ? 75  ILE A N   1 
ATOM   568 C CA  . ILE A 1 75 ? 5.368   0.943   -3.043  1.00 14.36 ? 75  ILE A CA  1 
ATOM   569 C C   . ILE A 1 75 ? 5.671   2.401   -3.328  1.00 12.62 ? 75  ILE A C   1 
ATOM   570 O O   . ILE A 1 75 ? 6.665   2.690   -3.983  1.00 11.47 ? 75  ILE A O   1 
ATOM   571 C CB  . ILE A 1 75 ? 6.173   0.441   -1.832  1.00 14.06 ? 75  ILE A CB  1 
ATOM   572 C CG1 . ILE A 1 75 ? 5.721   -0.972  -1.474  1.00 13.64 ? 75  ILE A CG1 1 
ATOM   573 C CG2 . ILE A 1 75 ? 5.959   1.352   -0.612  1.00 16.91 ? 75  ILE A CG2 1 
ATOM   574 C CD1 . ILE A 1 75 ? 4.365   -1.044  -0.729  1.00 21.02 ? 75  ILE A CD1 1 
ATOM   575 N N   . MET A 1 76 ? 4.809   3.328   -2.913  1.00 11.10 ? 76  MET A N   1 
ATOM   576 C CA  . MET A 1 76 ? 5.117   4.740   -2.983  1.00 6.36  ? 76  MET A CA  1 
ATOM   577 C C   . MET A 1 76 ? 5.265   5.258   -1.561  1.00 9.32  ? 76  MET A C   1 
ATOM   578 O O   . MET A 1 76 ? 4.780   4.683   -0.576  1.00 7.38  ? 76  MET A O   1 
ATOM   579 C CB  . MET A 1 76 ? 4.030   5.542   -3.635  1.00 7.47  ? 76  MET A CB  1 
ATOM   580 C CG  . MET A 1 76 ? 3.917   5.232   -5.089  1.00 12.93 ? 76  MET A CG  1 
ATOM   581 S SD  . MET A 1 76 ? 2.603   6.283   -5.712  1.00 21.69 ? 76  MET A SD  1 
ATOM   582 C CE  . MET A 1 76 ? 2.428   5.428   -7.250  1.00 20.55 ? 76  MET A CE  1 
ATOM   583 N N   . THR A 1 77 ? 6.025   6.315   -1.380  1.00 9.89  ? 77  THR A N   1 
ATOM   584 C CA  . THR A 1 77 ? 6.095   6.900   -0.069  1.00 10.63 ? 77  THR A CA  1 
ATOM   585 C C   . THR A 1 77 ? 5.658   8.335   -0.319  1.00 12.26 ? 77  THR A C   1 
ATOM   586 O O   . THR A 1 77 ? 5.874   8.891   -1.407  1.00 7.50  ? 77  THR A O   1 
ATOM   587 C CB  . THR A 1 77 ? 7.533   6.850   0.560   1.00 7.91  ? 77  THR A CB  1 
ATOM   588 O OG1 . THR A 1 77 ? 8.412   7.698   -0.168  1.00 13.67 ? 77  THR A OG1 1 
ATOM   589 C CG2 . THR A 1 77 ? 8.031   5.431   0.611   1.00 2.54  ? 77  THR A CG2 1 
ATOM   590 N N   . GLY A 1 78 ? 4.964   8.894   0.657   1.00 15.74 ? 78  GLY A N   1 
ATOM   591 C CA  . GLY A 1 78 ? 4.487   10.255  0.586   1.00 21.09 ? 78  GLY A CA  1 
ATOM   592 C C   . GLY A 1 78 ? 3.784   10.497  1.891   1.00 24.72 ? 78  GLY A C   1 
ATOM   593 O O   . GLY A 1 78 ? 3.646   9.573   2.708   1.00 25.67 ? 78  GLY A O   1 
ATOM   594 N N   . ASP A 1 79 ? 3.291   11.712  2.080   1.00 27.05 ? 79  ASP A N   1 
ATOM   595 C CA  . ASP A 1 79 ? 2.642   12.065  3.328   1.00 28.80 ? 79  ASP A CA  1 
ATOM   596 C C   . ASP A 1 79 ? 1.192   11.617  3.347   1.00 26.71 ? 79  ASP A C   1 
ATOM   597 O O   . ASP A 1 79 ? 0.242   12.383  3.160   1.00 28.05 ? 79  ASP A O   1 
ATOM   598 C CB  . ASP A 1 79 ? 2.785   13.579  3.512   1.00 41.39 ? 79  ASP A CB  1 
ATOM   599 C CG  . ASP A 1 79 ? 2.129   14.171  4.759   1.00 51.14 ? 79  ASP A CG  1 
ATOM   600 O OD1 . ASP A 1 79 ? 2.264   13.601  5.857   1.00 57.82 ? 79  ASP A OD1 1 
ATOM   601 O OD2 . ASP A 1 79 ? 1.468   15.208  4.608   1.00 54.31 ? 79  ASP A OD2 1 
ATOM   602 N N   . THR A 1 80 ? 1.004   10.318  3.494   1.00 24.66 ? 80  THR A N   1 
ATOM   603 C CA  . THR A 1 80 ? -0.340  9.828   3.596   1.00 24.20 ? 80  THR A CA  1 
ATOM   604 C C   . THR A 1 80 ? -0.691  9.895   5.090   1.00 30.10 ? 80  THR A C   1 
ATOM   605 O O   . THR A 1 80 ? 0.183   9.722   5.952   1.00 30.32 ? 80  THR A O   1 
ATOM   606 C CB  . THR A 1 80 ? -0.375  8.413   3.013   1.00 19.93 ? 80  THR A CB  1 
ATOM   607 O OG1 . THR A 1 80 ? -1.757  8.090   2.954   1.00 16.92 ? 80  THR A OG1 1 
ATOM   608 C CG2 . THR A 1 80 ? 0.436   7.410   3.762   1.00 16.75 ? 80  THR A CG2 1 
ATOM   609 N N   . PRO A 1 81 ? -1.944  10.253  5.421   1.00 29.02 ? 81  PRO A N   1 
ATOM   610 C CA  . PRO A 1 81 ? -2.512  10.156  6.756   1.00 23.87 ? 81  PRO A CA  1 
ATOM   611 C C   . PRO A 1 81 ? -2.611  8.762   7.353   1.00 26.74 ? 81  PRO A C   1 
ATOM   612 O O   . PRO A 1 81 ? -2.656  8.647   8.585   1.00 29.87 ? 81  PRO A O   1 
ATOM   613 C CB  . PRO A 1 81 ? -3.840  10.820  6.608   1.00 25.64 ? 81  PRO A CB  1 
ATOM   614 C CG  . PRO A 1 81 ? -4.192  10.628  5.157   1.00 25.74 ? 81  PRO A CG  1 
ATOM   615 C CD  . PRO A 1 81 ? -2.863  10.935  4.512   1.00 26.88 ? 81  PRO A CD  1 
ATOM   616 N N   . ILE A 1 82 ? -2.712  7.713   6.518   1.00 25.49 ? 82  ILE A N   1 
ATOM   617 C CA  . ILE A 1 82 ? -2.765  6.317   6.933   1.00 20.26 ? 82  ILE A CA  1 
ATOM   618 C C   . ILE A 1 82 ? -2.053  5.505   5.846   1.00 16.38 ? 82  ILE A C   1 
ATOM   619 O O   . ILE A 1 82 ? -2.188  5.857   4.694   1.00 20.59 ? 82  ILE A O   1 
ATOM   620 C CB  . ILE A 1 82 ? -4.247  5.879   7.093   1.00 23.83 ? 82  ILE A CB  1 
ATOM   621 C CG1 . ILE A 1 82 ? -4.572  5.945   8.572   1.00 31.02 ? 82  ILE A CG1 1 
ATOM   622 C CG2 . ILE A 1 82 ? -4.525  4.422   6.725   1.00 20.97 ? 82  ILE A CG2 1 
ATOM   623 C CD1 . ILE A 1 82 ? -5.221  7.237   9.122   1.00 37.15 ? 82  ILE A CD1 1 
ATOM   624 N N   . ASN A 1 83 ? -1.326  4.424   6.093   1.00 9.61  ? 83  ASN A N   1 
ATOM   625 C CA  . ASN A 1 83 ? -0.649  3.687   5.056   1.00 6.61  ? 83  ASN A CA  1 
ATOM   626 C C   . ASN A 1 83 ? -1.619  2.784   4.345   1.00 6.18  ? 83  ASN A C   1 
ATOM   627 O O   . ASN A 1 83 ? -2.360  2.044   5.000   1.00 3.17  ? 83  ASN A O   1 
ATOM   628 C CB  . ASN A 1 83 ? 0.450   2.799   5.613   1.00 9.67  ? 83  ASN A CB  1 
ATOM   629 C CG  . ASN A 1 83 ? 1.482   3.507   6.467   1.00 9.76  ? 83  ASN A CG  1 
ATOM   630 O OD1 . ASN A 1 83 ? 1.964   4.598   6.172   1.00 10.53 ? 83  ASN A OD1 1 
ATOM   631 N ND2 . ASN A 1 83 ? 1.849   2.926   7.586   1.00 9.45  ? 83  ASN A ND2 1 
ATOM   632 N N   . ILE A 1 84 ? -1.641  2.732   3.026   1.00 2.88  ? 84  ILE A N   1 
ATOM   633 C CA  . ILE A 1 84 ? -2.601  1.876   2.362   1.00 5.31  ? 84  ILE A CA  1 
ATOM   634 C C   . ILE A 1 84 ? -1.948  0.901   1.361   1.00 6.55  ? 84  ILE A C   1 
ATOM   635 O O   . ILE A 1 84 ? -0.962  1.210   0.667   1.00 6.08  ? 84  ILE A O   1 
ATOM   636 C CB  . ILE A 1 84 ? -3.685  2.779   1.632   1.00 10.68 ? 84  ILE A CB  1 
ATOM   637 C CG1 . ILE A 1 84 ? -3.092  3.462   0.410   1.00 13.20 ? 84  ILE A CG1 1 
ATOM   638 C CG2 . ILE A 1 84 ? -4.131  3.954   2.518   1.00 7.56  ? 84  ILE A CG2 1 
ATOM   639 C CD1 . ILE A 1 84 ? -4.030  4.334   -0.424  1.00 17.08 ? 84  ILE A CD1 1 
ATOM   640 N N   . PHE A 1 85 ? -2.472  -0.323  1.288   1.00 6.69  ? 85  PHE A N   1 
ATOM   641 C CA  . PHE A 1 85 ? -2.127  -1.253  0.230   1.00 6.90  ? 85  PHE A CA  1 
ATOM   642 C C   . PHE A 1 85 ? -3.332  -1.226  -0.727  1.00 10.05 ? 85  PHE A C   1 
ATOM   643 O O   . PHE A 1 85 ? -4.449  -1.564  -0.320  1.00 8.74  ? 85  PHE A O   1 
ATOM   644 C CB  . PHE A 1 85 ? -1.951  -2.672  0.744   1.00 4.88  ? 85  PHE A CB  1 
ATOM   645 C CG  . PHE A 1 85 ? -0.567  -2.979  1.277   1.00 7.95  ? 85  PHE A CG  1 
ATOM   646 C CD1 . PHE A 1 85 ? 0.387   -1.968  1.490   1.00 11.44 ? 85  PHE A CD1 1 
ATOM   647 C CD2 . PHE A 1 85 ? -0.250  -4.311  1.537   1.00 8.39  ? 85  PHE A CD2 1 
ATOM   648 C CE1 . PHE A 1 85 ? 1.651   -2.293  1.966   1.00 8.69  ? 85  PHE A CE1 1 
ATOM   649 C CE2 . PHE A 1 85 ? 1.020   -4.626  2.010   1.00 9.20  ? 85  PHE A CE2 1 
ATOM   650 C CZ  . PHE A 1 85 ? 1.964   -3.622  2.227   1.00 9.13  ? 85  PHE A CZ  1 
ATOM   651 N N   . GLY A 1 86 ? -3.151  -0.818  -1.983  1.00 7.42  ? 86  GLY A N   1 
ATOM   652 C CA  . GLY A 1 86 ? -4.228  -0.698  -2.936  1.00 4.74  ? 86  GLY A CA  1 
ATOM   653 C C   . GLY A 1 86 ? -4.304  -1.934  -3.794  1.00 6.21  ? 86  GLY A C   1 
ATOM   654 O O   . GLY A 1 86 ? -3.630  -2.940  -3.501  1.00 11.70 ? 86  GLY A O   1 
ATOM   655 N N   . ARG A 1 87 ? -5.056  -1.882  -4.901  1.00 4.55  ? 87  ARG A N   1 
ATOM   656 C CA  . ARG A 1 87 ? -5.315  -3.100  -5.660  1.00 10.16 ? 87  ARG A CA  1 
ATOM   657 C C   . ARG A 1 87 ? -4.109  -3.717  -6.320  1.00 12.20 ? 87  ARG A C   1 
ATOM   658 O O   . ARG A 1 87 ? -4.131  -4.924  -6.558  1.00 13.97 ? 87  ARG A O   1 
ATOM   659 C CB  . ARG A 1 87 ? -6.349  -2.896  -6.748  1.00 10.52 ? 87  ARG A CB  1 
ATOM   660 C CG  . ARG A 1 87 ? -7.761  -2.633  -6.247  1.00 8.43  ? 87  ARG A CG  1 
ATOM   661 C CD  . ARG A 1 87 ? -8.735  -2.444  -7.388  1.00 5.60  ? 87  ARG A CD  1 
ATOM   662 N NE  . ARG A 1 87 ? -8.333  -1.264  -8.153  1.00 13.49 ? 87  ARG A NE  1 
ATOM   663 C CZ  . ARG A 1 87 ? -7.763  -1.347  -9.372  1.00 9.74  ? 87  ARG A CZ  1 
ATOM   664 N NH1 . ARG A 1 87 ? -7.533  -2.515  -9.974  1.00 7.51  ? 87  ARG A NH1 1 
ATOM   665 N NH2 . ARG A 1 87 ? -7.397  -0.237  -9.989  1.00 5.35  ? 87  ARG A NH2 1 
ATOM   666 N N   . ASN A 1 88 ? -3.019  -2.969  -6.509  1.00 17.21 ? 88  ASN A N   1 
ATOM   667 C CA  . ASN A 1 88 ? -1.797  -3.565  -7.069  1.00 13.61 ? 88  ASN A CA  1 
ATOM   668 C C   . ASN A 1 88 ? -1.233  -4.618  -6.160  1.00 9.67  ? 88  ASN A C   1 
ATOM   669 O O   . ASN A 1 88 ? -0.888  -5.694  -6.643  1.00 13.75 ? 88  ASN A O   1 
ATOM   670 C CB  . ASN A 1 88 ? -0.689  -2.510  -7.340  1.00 12.31 ? 88  ASN A CB  1 
ATOM   671 C CG  . ASN A 1 88 ? -0.046  -1.730  -6.210  1.00 11.39 ? 88  ASN A CG  1 
ATOM   672 O OD1 . ASN A 1 88 ? -0.720  -1.248  -5.306  1.00 9.54  ? 88  ASN A OD1 1 
ATOM   673 N ND2 . ASN A 1 88 ? 1.264   -1.500  -6.301  1.00 6.43  ? 88  ASN A ND2 1 
ATOM   674 N N   . LEU A 1 89 ? -1.202  -4.391  -4.844  1.00 8.50  ? 89  LEU A N   1 
ATOM   675 C CA  . LEU A 1 89 ? -0.769  -5.439  -3.966  1.00 3.33  ? 89  LEU A CA  1 
ATOM   676 C C   . LEU A 1 89 ? -1.905  -6.379  -3.627  1.00 5.23  ? 89  LEU A C   1 
ATOM   677 O O   . LEU A 1 89 ? -1.674  -7.595  -3.588  1.00 8.42  ? 89  LEU A O   1 
ATOM   678 C CB  . LEU A 1 89 ? -0.154  -4.832  -2.709  1.00 6.71  ? 89  LEU A CB  1 
ATOM   679 C CG  . LEU A 1 89 ? 1.169   -4.118  -2.981  1.00 8.11  ? 89  LEU A CG  1 
ATOM   680 C CD1 . LEU A 1 89 ? 1.720   -3.562  -1.725  1.00 8.74  ? 89  LEU A CD1 1 
ATOM   681 C CD2 . LEU A 1 89 ? 2.169   -5.059  -3.536  1.00 6.64  ? 89  LEU A CD2 1 
ATOM   682 N N   . LEU A 1 90 ? -3.152  -5.955  -3.434  1.00 6.55  ? 90  LEU A N   1 
ATOM   683 C CA  . LEU A 1 90 ? -4.209  -6.923  -3.119  1.00 4.18  ? 90  LEU A CA  1 
ATOM   684 C C   . LEU A 1 90 ? -4.411  -7.956  -4.209  1.00 5.08  ? 90  LEU A C   1 
ATOM   685 O O   . LEU A 1 90 ? -4.741  -9.102  -3.874  1.00 5.94  ? 90  LEU A O   1 
ATOM   686 C CB  . LEU A 1 90 ? -5.581  -6.267  -2.905  1.00 8.21  ? 90  LEU A CB  1 
ATOM   687 C CG  . LEU A 1 90 ? -5.743  -5.063  -1.973  1.00 3.14  ? 90  LEU A CG  1 
ATOM   688 C CD1 . LEU A 1 90 ? -7.243  -4.767  -1.799  1.00 2.00  ? 90  LEU A CD1 1 
ATOM   689 C CD2 . LEU A 1 90 ? -5.078  -5.354  -0.645  1.00 2.51  ? 90  LEU A CD2 1 
ATOM   690 N N   . THR A 1 91 ? -4.248  -7.642  -5.509  1.00 10.34 ? 91  THR A N   1 
ATOM   691 C CA  . THR A 1 91 ? -4.364  -8.654  -6.579  1.00 14.21 ? 91  THR A CA  1 
ATOM   692 C C   . THR A 1 91 ? -3.208  -9.657  -6.475  1.00 14.89 ? 91  THR A C   1 
ATOM   693 O O   . THR A 1 91 ? -3.368  -10.862 -6.683  1.00 22.45 ? 91  THR A O   1 
ATOM   694 C CB  . THR A 1 91 ? -4.318  -8.008  -7.982  1.00 13.48 ? 91  THR A CB  1 
ATOM   695 O OG1 . THR A 1 91 ? -3.077  -7.333  -8.001  1.00 14.39 ? 91  THR A OG1 1 
ATOM   696 C CG2 . THR A 1 91 ? -5.491  -7.082  -8.304  1.00 7.69  ? 91  THR A CG2 1 
ATOM   697 N N   . ALA A 1 92 ? -2.014  -9.158  -6.154  1.00 15.13 ? 92  ALA A N   1 
ATOM   698 C CA  . ALA A 1 92 ? -0.868  -10.006 -5.882  1.00 15.06 ? 92  ALA A CA  1 
ATOM   699 C C   . ALA A 1 92 ? -1.144  -10.929 -4.716  1.00 14.28 ? 92  ALA A C   1 
ATOM   700 O O   . ALA A 1 92 ? -0.596  -12.024 -4.697  1.00 20.66 ? 92  ALA A O   1 
ATOM   701 C CB  . ALA A 1 92 ? 0.351   -9.186  -5.515  1.00 17.55 ? 92  ALA A CB  1 
ATOM   702 N N   . LEU A 1 93 ? -1.965  -10.540 -3.735  1.00 10.94 ? 93  LEU A N   1 
ATOM   703 C CA  . LEU A 1 93 ? -2.273  -11.396 -2.602  1.00 9.61  ? 93  LEU A CA  1 
ATOM   704 C C   . LEU A 1 93 ? -3.501  -12.288 -2.758  1.00 12.32 ? 93  LEU A C   1 
ATOM   705 O O   . LEU A 1 93 ? -3.935  -12.969 -1.819  1.00 18.81 ? 93  LEU A O   1 
ATOM   706 C CB  . LEU A 1 93 ? -2.433  -10.514 -1.389  1.00 8.66  ? 93  LEU A CB  1 
ATOM   707 C CG  . LEU A 1 93 ? -1.179  -9.773  -0.940  1.00 14.09 ? 93  LEU A CG  1 
ATOM   708 C CD1 . LEU A 1 93 ? -1.526  -8.780  0.149   1.00 15.64 ? 93  LEU A CD1 1 
ATOM   709 C CD2 . LEU A 1 93 ? -0.183  -10.748 -0.378  1.00 15.23 ? 93  LEU A CD2 1 
ATOM   710 N N   . GLY A 1 94 ? -4.077  -12.329 -3.953  1.00 12.09 ? 94  GLY A N   1 
ATOM   711 C CA  . GLY A 1 94 ? -5.270  -13.111 -4.231  1.00 11.92 ? 94  GLY A CA  1 
ATOM   712 C C   . GLY A 1 94 ? -6.472  -12.702 -3.380  1.00 12.89 ? 94  GLY A C   1 
ATOM   713 O O   . GLY A 1 94 ? -7.225  -13.536 -2.870  1.00 18.37 ? 94  GLY A O   1 
ATOM   714 N N   . MET A 1 95 ? -6.663  -11.426 -3.174  1.00 8.84  ? 95  MET A N   1 
ATOM   715 C CA  . MET A 1 95 ? -7.802  -11.015 -2.399  1.00 14.24 ? 95  MET A CA  1 
ATOM   716 C C   . MET A 1 95 ? -8.959  -10.691 -3.281  1.00 13.63 ? 95  MET A C   1 
ATOM   717 O O   . MET A 1 95 ? -8.730  -10.105 -4.332  1.00 20.30 ? 95  MET A O   1 
ATOM   718 C CB  . MET A 1 95 ? -7.458  -9.806  -1.603  1.00 16.26 ? 95  MET A CB  1 
ATOM   719 C CG  . MET A 1 95 ? -6.922  -10.431 -0.367  1.00 22.47 ? 95  MET A CG  1 
ATOM   720 S SD  . MET A 1 95 ? -6.210  -9.157  0.650   1.00 23.77 ? 95  MET A SD  1 
ATOM   721 C CE  . MET A 1 95 ? -7.684  -8.794  1.554   1.00 23.31 ? 95  MET A CE  1 
ATOM   722 N N   . SER A 1 96 ? -10.181 -11.029 -2.930  1.00 12.81 ? 96  SER A N   1 
ATOM   723 C CA  . SER A 1 96 ? -11.300 -10.595 -3.728  1.00 10.51 ? 96  SER A CA  1 
ATOM   724 C C   . SER A 1 96 ? -12.314 -10.022 -2.740  1.00 12.32 ? 96  SER A C   1 
ATOM   725 O O   . SER A 1 96 ? -12.198 -10.172 -1.515  1.00 11.11 ? 96  SER A O   1 
ATOM   726 C CB  . SER A 1 96 ? -11.828 -11.801 -4.509  1.00 7.99  ? 96  SER A CB  1 
ATOM   727 O OG  . SER A 1 96 ? -12.023 -12.863 -3.586  1.00 14.06 ? 96  SER A OG  1 
ATOM   728 N N   . LEU A 1 97 ? -13.270 -9.256  -3.264  1.00 12.76 ? 97  LEU A N   1 
ATOM   729 C CA  . LEU A 1 97 ? -14.334 -8.690  -2.469  1.00 16.22 ? 97  LEU A CA  1 
ATOM   730 C C   . LEU A 1 97 ? -15.560 -9.554  -2.804  1.00 15.58 ? 97  LEU A C   1 
ATOM   731 O O   . LEU A 1 97 ? -16.073 -9.550  -3.923  1.00 23.08 ? 97  LEU A O   1 
ATOM   732 C CB  . LEU A 1 97 ? -14.457 -7.244  -2.889  1.00 14.00 ? 97  LEU A CB  1 
ATOM   733 C CG  . LEU A 1 97 ? -15.368 -6.288  -2.157  1.00 16.13 ? 97  LEU A CG  1 
ATOM   734 C CD1 . LEU A 1 97 ? -14.965 -6.164  -0.697  1.00 14.24 ? 97  LEU A CD1 1 
ATOM   735 C CD2 . LEU A 1 97 ? -15.296 -4.933  -2.875  1.00 14.66 ? 97  LEU A CD2 1 
ATOM   736 N N   . ASN A 1 98 ? -15.980 -10.335 -1.818  1.00 17.34 ? 98  ASN A N   1 
ATOM   737 C CA  . ASN A 1 98 ? -17.061 -11.293 -1.910  1.00 21.49 ? 98  ASN A CA  1 
ATOM   738 C C   . ASN A 1 98 ? -18.304 -10.855 -1.146  1.00 23.51 ? 98  ASN A C   1 
ATOM   739 O O   . ASN A 1 98 ? -18.214 -10.255 -0.065  1.00 23.85 ? 98  ASN A O   1 
ATOM   740 C CB  . ASN A 1 98 ? -16.668 -12.644 -1.325  1.00 24.14 ? 98  ASN A CB  1 
ATOM   741 C CG  . ASN A 1 98 ? -15.497 -13.335 -1.973  1.00 27.81 ? 98  ASN A CG  1 
ATOM   742 O OD1 . ASN A 1 98 ? -14.665 -12.797 -2.695  1.00 31.28 ? 98  ASN A OD1 1 
ATOM   743 N ND2 . ASN A 1 98 ? -15.378 -14.610 -1.701  1.00 35.75 ? 98  ASN A ND2 1 
ATOM   744 N N   . PHE A 1 99 ? -19.439 -11.272 -1.704  1.00 23.73 ? 99  PHE A N   1 
ATOM   745 C CA  . PHE A 1 99 ? -20.775 -11.041 -1.195  1.00 25.02 ? 99  PHE A CA  1 
ATOM   746 C C   . PHE A 1 99 ? -21.645 -12.247 -1.628  1.00 28.92 ? 99  PHE A C   1 
ATOM   747 O O   . PHE A 1 99 ? -21.124 -13.231 -2.188  1.00 24.10 ? 99  PHE A O   1 
ATOM   748 C CB  . PHE A 1 99 ? -21.351 -9.704  -1.769  1.00 23.32 ? 99  PHE A CB  1 
ATOM   749 C CG  . PHE A 1 99 ? -21.512 -9.618  -3.279  1.00 17.50 ? 99  PHE A CG  1 
ATOM   750 C CD1 . PHE A 1 99 ? -20.392 -9.425  -4.097  1.00 18.59 ? 99  PHE A CD1 1 
ATOM   751 C CD2 . PHE A 1 99 ? -22.776 -9.768  -3.843  1.00 14.22 ? 99  PHE A CD2 1 
ATOM   752 C CE1 . PHE A 1 99 ? -20.553 -9.385  -5.477  1.00 18.47 ? 99  PHE A CE1 1 
ATOM   753 C CE2 . PHE A 1 99 ? -22.926 -9.726  -5.228  1.00 10.12 ? 99  PHE A CE2 1 
ATOM   754 C CZ  . PHE A 1 99 ? -21.820 -9.539  -6.043  1.00 15.30 ? 99  PHE A CZ  1 
ATOM   755 O OXT . PHE A 1 99 ? -22.854 -12.194 -1.386  1.00 30.27 ? 99  PHE A OXT 1 
HETATM 756 N N   . PPN B 2 1  ? -9.403  5.291   -1.025  0.50 2.36  ? 104 PPN I N   1 
HETATM 757 C CA  . PPN B 2 1  ? -9.512  5.693   -2.416  0.50 8.12  ? 104 PPN I CA  1 
HETATM 758 C C   . PPN B 2 1  ? -8.307  6.569   -2.682  0.50 7.52  ? 104 PPN I C   1 
HETATM 759 O O   . PPN B 2 1  ? -7.981  7.340   -1.792  0.50 10.17 ? 104 PPN I O   1 
HETATM 760 C CB  . PPN B 2 1  ? -10.811 6.521   -2.732  0.50 2.22  ? 104 PPN I CB  1 
HETATM 761 C CG  . PPN B 2 1  ? -10.769 7.199   -4.105  0.50 3.51  ? 104 PPN I CG  1 
HETATM 762 C CD1 . PPN B 2 1  ? -10.639 6.476   -5.291  0.50 4.81  ? 104 PPN I CD1 1 
HETATM 763 C CD2 . PPN B 2 1  ? -10.723 8.579   -4.154  0.50 3.29  ? 104 PPN I CD2 1 
HETATM 764 C CE1 . PPN B 2 1  ? -10.439 7.135   -6.507  0.50 3.39  ? 104 PPN I CE1 1 
HETATM 765 C CE2 . PPN B 2 1  ? -10.525 9.230   -5.360  0.50 3.28  ? 104 PPN I CE2 1 
HETATM 766 C CZ  . PPN B 2 1  ? -10.362 8.531   -6.560  0.50 6.31  ? 104 PPN I CZ  1 
HETATM 767 N N1  . PPN B 2 1  ? -9.960  9.262   -7.820  0.50 10.96 ? 104 PPN I N1  1 
HETATM 768 O O1  . PPN B 2 1  ? -9.786  10.442  -7.674  0.50 10.72 ? 104 PPN I O1  1 
HETATM 769 O O2  . PPN B 2 1  ? -9.867  8.585   -8.813  0.50 15.54 ? 104 PPN I O2  1 
ATOM   770 N N   . GLU B 2 2  ? -7.650  6.361   -3.819  0.50 6.70  ? 105 GLU I N   1 
ATOM   771 C CA  . GLU B 2 2  ? -6.608  7.217   -4.333  0.50 2.71  ? 105 GLU I CA  1 
ATOM   772 C C   . GLU B 2 2  ? -6.423  6.787   -5.783  0.50 4.37  ? 105 GLU I C   1 
ATOM   773 O O   . GLU B 2 2  ? -6.714  5.636   -6.101  0.50 4.02  ? 105 GLU I O   1 
ATOM   774 C CB  . GLU B 2 2  ? -5.306  7.052   -3.537  0.50 3.00  ? 105 GLU I CB  1 
ATOM   775 C CG  . GLU B 2 2  ? -4.384  5.846   -3.674  0.50 8.66  ? 105 GLU I CG  1 
ATOM   776 C CD  . GLU B 2 2  ? -3.680  5.745   -5.010  0.50 9.39  ? 105 GLU I CD  1 
ATOM   777 O OE1 . GLU B 2 2  ? -2.833  6.568   -5.317  0.50 11.38 ? 105 GLU I OE1 1 
ATOM   778 O OE2 . GLU B 2 2  ? -4.037  4.872   -5.785  0.50 12.47 ? 105 GLU I OE2 1 
ATOM   779 N N   . ALA B 2 3  ? -5.908  7.607   -6.686  0.50 9.52  ? 106 ALA I N   1 
ATOM   780 C CA  . ALA B 2 3  ? -5.638  7.265   -8.084  0.50 12.91 ? 106 ALA I CA  1 
ATOM   781 C C   . ALA B 2 3  ? -4.863  8.439   -8.694  0.50 17.93 ? 106 ALA I C   1 
ATOM   782 O O   . ALA B 2 3  ? -4.427  9.307   -7.935  0.50 15.76 ? 106 ALA I O   1 
ATOM   783 C CB  . ALA B 2 3  ? -6.946  7.082   -8.836  0.50 11.27 ? 106 ALA I CB  1 
HETATM 784 N N   . NLE B 2 4  ? -4.627  8.544   -9.996  0.50 26.04 ? 107 NLE I N   1 
HETATM 785 C CA  . NLE B 2 4  ? -3.985  9.702   -10.615 0.50 32.56 ? 107 NLE I CA  1 
HETATM 786 C C   . NLE B 2 4  ? -4.517  9.767   -12.047 0.50 36.12 ? 107 NLE I C   1 
HETATM 787 O O   . NLE B 2 4  ? -4.896  10.854  -12.481 0.50 37.99 ? 107 NLE I O   1 
HETATM 788 C CB  . NLE B 2 4  ? -2.462  9.546   -10.674 0.50 34.01 ? 107 NLE I CB  1 
ATOM   789 N N   . SER B 2 5  ? -4.602  8.717   -12.699 0.50 38.81 ? 108 SER I N   1 
HETATM 790 O O   . HOH C 3 .  ? -1.066  -8.364  11.297  1.00 37.33 ? 402 HOH A O   1 
HETATM 791 O O   . HOH C 3 .  ? 0.626   -10.013 8.367   1.00 18.91 ? 403 HOH A O   1 
HETATM 792 O O   . HOH C 3 .  ? -11.997 -5.665  8.866   1.00 20.89 ? 404 HOH A O   1 
HETATM 793 O O   . HOH C 3 .  ? -14.312 -6.471  11.308  1.00 16.20 ? 405 HOH A O   1 
HETATM 794 O O   . HOH C 3 .  ? 3.058   -3.713  -7.818  1.00 16.97 ? 406 HOH A O   1 
HETATM 795 O O   . HOH C 3 .  ? 2.038   1.563   -6.118  1.00 11.73 ? 407 HOH A O   1 
HETATM 796 O O   . HOH C 3 .  ? 2.916   1.783   10.626  1.00 16.71 ? 408 HOH A O   1 
HETATM 797 O O   . HOH C 3 .  ? 4.727   4.098   9.071   1.00 25.99 ? 409 HOH A O   1 
HETATM 798 O O   . HOH C 3 .  ? 10.220  -7.688  4.527   1.00 17.62 ? 410 HOH A O   1 
HETATM 799 O O   . HOH C 3 .  ? 2.631   16.447  -0.689  1.00 27.73 ? 411 HOH A O   1 
HETATM 800 O O   . HOH C 3 .  ? -10.542 -11.599 10.158  1.00 27.52 ? 412 HOH A O   1 
HETATM 801 O O   . HOH C 3 .  ? -8.812  -2.509  12.559  1.00 26.39 ? 413 HOH A O   1 
HETATM 802 O O   . HOH C 3 .  ? 13.908  -6.110  -2.824  1.00 23.20 ? 414 HOH A O   1 
HETATM 803 O O   . HOH C 3 .  ? 1.992   -0.854  -9.187  1.00 68.21 ? 415 HOH A O   1 
HETATM 804 O O   . HOH D 3 .  ? -8.599  9.669   -0.286  0.50 -6.67 ? 401 HOH I O   1 
# 
loop_
_pdbx_poly_seq_scheme.asym_id 
_pdbx_poly_seq_scheme.entity_id 
_pdbx_poly_seq_scheme.seq_id 
_pdbx_poly_seq_scheme.mon_id 
_pdbx_poly_seq_scheme.ndb_seq_num 
_pdbx_poly_seq_scheme.pdb_seq_num 
_pdbx_poly_seq_scheme.auth_seq_num 
_pdbx_poly_seq_scheme.pdb_mon_id 
_pdbx_poly_seq_scheme.auth_mon_id 
_pdbx_poly_seq_scheme.pdb_strand_id 
_pdbx_poly_seq_scheme.pdb_ins_code 
_pdbx_poly_seq_scheme.hetero 
A 1 1  PRO 1  1   1   PRO PRO A . n 
A 1 2  GLN 2  2   2   GLN GLN A . n 
A 1 3  PHE 3  3   3   PHE PHE A . n 
A 1 4  HIS 4  4   4   HIS HIS A . n 
A 1 5  LEU 5  5   5   LEU LEU A . n 
A 1 6  TRP 6  6   6   TRP TRP A . n 
A 1 7  LYS 7  7   7   LYS LYS A . n 
A 1 8  ARG 8  8   8   ARG ARG A . n 
A 1 9  PRO 9  9   9   PRO PRO A . n 
A 1 10 VAL 10 10  10  VAL VAL A . n 
A 1 11 VAL 11 11  11  VAL VAL A . n 
A 1 12 THR 12 12  12  THR THR A . n 
A 1 13 ALA 13 13  13  ALA ALA A . n 
A 1 14 HIS 14 14  14  HIS HIS A . n 
A 1 15 ILE 15 15  15  ILE ILE A . n 
A 1 16 GLU 16 16  16  GLU GLU A . n 
A 1 17 GLY 17 17  17  GLY GLY A . n 
A 1 18 GLN 18 18  18  GLN GLN A . n 
A 1 19 PRO 19 19  19  PRO PRO A . n 
A 1 20 VAL 20 20  20  VAL VAL A . n 
A 1 21 GLU 21 21  21  GLU GLU A . n 
A 1 22 VAL 22 22  22  VAL VAL A . n 
A 1 23 LEU 23 23  23  LEU LEU A . n 
A 1 24 LEU 24 24  24  LEU LEU A . n 
A 1 25 ASP 25 25  25  ASP ASP A . n 
A 1 26 THR 26 26  26  THR THR A . n 
A 1 27 GLY 27 27  27  GLY GLY A . n 
A 1 28 ALA 28 28  28  ALA ALA A . n 
A 1 29 ASP 29 29  29  ASP ASP A . n 
A 1 30 ASP 30 30  30  ASP ASP A . n 
A 1 31 SER 31 31  31  SER SER A . n 
A 1 32 ILE 32 32  32  ILE ILE A . n 
A 1 33 VAL 33 33  33  VAL VAL A . n 
A 1 34 THR 34 34  34  THR THR A . n 
A 1 35 GLY 35 35  35  GLY GLY A . n 
A 1 36 ILE 36 36  36  ILE ILE A . n 
A 1 37 GLU 37 37  37  GLU GLU A . n 
A 1 38 LEU 38 38  38  LEU LEU A . n 
A 1 39 GLY 39 39  39  GLY GLY A . n 
A 1 40 PRO 40 40  40  PRO PRO A . n 
A 1 41 HIS 41 41  41  HIS HIS A . n 
A 1 42 TYR 42 42  42  TYR TYR A . n 
A 1 43 THR 43 43  43  THR THR A . n 
A 1 44 PRO 44 44  44  PRO PRO A . n 
A 1 45 LYS 45 45  45  LYS LYS A . n 
A 1 46 ILE 46 46  46  ILE ILE A . n 
A 1 47 VAL 47 47  47  VAL VAL A . n 
A 1 48 GLY 48 48  48  GLY GLY A . n 
A 1 49 GLY 49 49  49  GLY GLY A . n 
A 1 50 ILE 50 50  50  ILE ILE A . n 
A 1 51 GLY 51 51  51  GLY GLY A . n 
A 1 52 GLY 52 52  52  GLY GLY A . n 
A 1 53 PHE 53 53  53  PHE PHE A . n 
A 1 54 ILE 54 54  54  ILE ILE A . n 
A 1 55 ASN 55 55  55  ASN ASN A . n 
A 1 56 THR 56 56  56  THR THR A . n 
A 1 57 LYS 57 57  57  LYS LYS A . n 
A 1 58 GLU 58 58  58  GLU GLU A . n 
A 1 59 TYR 59 59  59  TYR TYR A . n 
A 1 60 LYS 60 60  60  LYS LYS A . n 
A 1 61 ASN 61 61  61  ASN ASN A . n 
A 1 62 VAL 62 62  62  VAL VAL A . n 
A 1 63 GLU 63 63  63  GLU GLU A . n 
A 1 64 VAL 64 64  64  VAL VAL A . n 
A 1 65 GLU 65 65  65  GLU GLU A . n 
A 1 66 VAL 66 66  66  VAL VAL A . n 
A 1 67 LEU 67 67  67  LEU LEU A . n 
A 1 68 GLY 68 68  68  GLY GLY A . n 
A 1 69 LYS 69 69  69  LYS LYS A . n 
A 1 70 ARG 70 70  70  ARG ARG A . n 
A 1 71 ILE 71 71  71  ILE ILE A . n 
A 1 72 LYS 72 72  72  LYS LYS A . n 
A 1 73 GLY 73 73  73  GLY GLY A . n 
A 1 74 THR 74 74  74  THR THR A . n 
A 1 75 ILE 75 75  75  ILE ILE A . n 
A 1 76 MET 76 76  76  MET MET A . n 
A 1 77 THR 77 77  77  THR THR A . n 
A 1 78 GLY 78 78  78  GLY GLY A . n 
A 1 79 ASP 79 79  79  ASP ASP A . n 
A 1 80 THR 80 80  80  THR THR A . n 
A 1 81 PRO 81 81  81  PRO PRO A . n 
A 1 82 ILE 82 82  82  ILE ILE A . n 
A 1 83 ASN 83 83  83  ASN ASN A . n 
A 1 84 ILE 84 84  84  ILE ILE A . n 
A 1 85 PHE 85 85  85  PHE PHE A . n 
A 1 86 GLY 86 86  86  GLY GLY A . n 
A 1 87 ARG 87 87  87  ARG ARG A . n 
A 1 88 ASN 88 88  88  ASN ASN A . n 
A 1 89 LEU 89 89  89  LEU LEU A . n 
A 1 90 LEU 90 90  90  LEU LEU A . n 
A 1 91 THR 91 91  91  THR THR A . n 
A 1 92 ALA 92 92  92  ALA ALA A . n 
A 1 93 LEU 93 93  93  LEU LEU A . n 
A 1 94 GLY 94 94  94  GLY GLY A . n 
A 1 95 MET 95 95  95  MET MET A . n 
A 1 96 SER 96 96  96  SER SER A . n 
A 1 97 LEU 97 97  97  LEU LEU A . n 
A 1 98 ASN 98 98  98  ASN ASN A . n 
A 1 99 PHE 99 99  99  PHE PHE A . n 
B 2 1  PPN 1  104 104 PPN PPN I . n 
B 2 2  GLU 2  105 105 GLU GLU I . n 
B 2 3  ALA 3  106 106 ALA ALA I . n 
B 2 4  NLE 4  107 107 NLE NLE I . n 
B 2 5  SER 5  108 108 SER SER I . n 
# 
loop_
_pdbx_nonpoly_scheme.asym_id 
_pdbx_nonpoly_scheme.entity_id 
_pdbx_nonpoly_scheme.mon_id 
_pdbx_nonpoly_scheme.ndb_seq_num 
_pdbx_nonpoly_scheme.pdb_seq_num 
_pdbx_nonpoly_scheme.auth_seq_num 
_pdbx_nonpoly_scheme.pdb_mon_id 
_pdbx_nonpoly_scheme.auth_mon_id 
_pdbx_nonpoly_scheme.pdb_strand_id 
_pdbx_nonpoly_scheme.pdb_ins_code 
C 3 HOH 1  402 402 HOH HOH A . 
C 3 HOH 2  403 403 HOH HOH A . 
C 3 HOH 3  404 404 HOH HOH A . 
C 3 HOH 4  405 405 HOH HOH A . 
C 3 HOH 5  406 406 HOH HOH A . 
C 3 HOH 6  407 407 HOH HOH A . 
C 3 HOH 7  408 408 HOH HOH A . 
C 3 HOH 8  409 409 HOH HOH A . 
C 3 HOH 9  410 410 HOH HOH A . 
C 3 HOH 10 411 411 HOH HOH A . 
C 3 HOH 11 412 412 HOH HOH A . 
C 3 HOH 12 413 413 HOH HOH A . 
C 3 HOH 13 414 414 HOH HOH A . 
C 3 HOH 14 415 415 HOH HOH A . 
D 3 HOH 1  401 401 HOH HOH I . 
# 
loop_
_pdbx_struct_mod_residue.id 
_pdbx_struct_mod_residue.label_asym_id 
_pdbx_struct_mod_residue.label_comp_id 
_pdbx_struct_mod_residue.label_seq_id 
_pdbx_struct_mod_residue.auth_asym_id 
_pdbx_struct_mod_residue.auth_comp_id 
_pdbx_struct_mod_residue.auth_seq_id 
_pdbx_struct_mod_residue.PDB_ins_code 
_pdbx_struct_mod_residue.parent_comp_id 
_pdbx_struct_mod_residue.details 
1 B PPN 1 I PPN 104 ? PHE PARA-NITROPHENYLALANINE 
2 B NLE 4 I NLE 107 ? LEU NORLEUCINE              
# 
_pdbx_struct_assembly.id                   1 
_pdbx_struct_assembly.details              author_defined_assembly 
_pdbx_struct_assembly.method_details       ? 
_pdbx_struct_assembly.oligomeric_details   tetrameric 
_pdbx_struct_assembly.oligomeric_count     4 
# 
_pdbx_struct_assembly_gen.assembly_id       1 
_pdbx_struct_assembly_gen.oper_expression   1,2 
_pdbx_struct_assembly_gen.asym_id_list      A,B,C,D 
# 
loop_
_pdbx_struct_oper_list.id 
_pdbx_struct_oper_list.type 
_pdbx_struct_oper_list.name 
_pdbx_struct_oper_list.symmetry_operation 
_pdbx_struct_oper_list.matrix[1][1] 
_pdbx_struct_oper_list.matrix[1][2] 
_pdbx_struct_oper_list.matrix[1][3] 
_pdbx_struct_oper_list.vector[1] 
_pdbx_struct_oper_list.matrix[2][1] 
_pdbx_struct_oper_list.matrix[2][2] 
_pdbx_struct_oper_list.matrix[2][3] 
_pdbx_struct_oper_list.vector[2] 
_pdbx_struct_oper_list.matrix[3][1] 
_pdbx_struct_oper_list.matrix[3][2] 
_pdbx_struct_oper_list.matrix[3][3] 
_pdbx_struct_oper_list.vector[3] 
1 'identity operation'         1_555 x,y,z   1.0000000000  0.0000000000 0.0000000000 0.0000000000   0.0000000000 1.0000000000 0.0000000000 0.0000000000 0.0000000000 0.0000000000 1.0000000000  0.0000000000  
2 'crystal symmetry operation' 4_555 x,-y,-z -0.8762593822 0.4818390785 0.0007729835 -20.8347743433 0.4818390785 0.8762545535 0.0030099547 5.3514965681 0.0007729835 0.0030099547 -0.9999951713 -0.5851694723 
# 
_pdbx_struct_special_symmetry.id              1 
_pdbx_struct_special_symmetry.PDB_model_num   1 
_pdbx_struct_special_symmetry.auth_asym_id    I 
_pdbx_struct_special_symmetry.auth_comp_id    HOH 
_pdbx_struct_special_symmetry.auth_seq_id     401 
_pdbx_struct_special_symmetry.PDB_ins_code    ? 
_pdbx_struct_special_symmetry.label_asym_id   D 
_pdbx_struct_special_symmetry.label_comp_id   HOH 
_pdbx_struct_special_symmetry.label_seq_id    . 
# 
loop_
_pdbx_audit_revision_history.ordinal 
_pdbx_audit_revision_history.data_content_type 
_pdbx_audit_revision_history.major_revision 
_pdbx_audit_revision_history.minor_revision 
_pdbx_audit_revision_history.revision_date 
1 'Structure model' 1 0 1997-03-12 
2 'Structure model' 1 1 2008-03-24 
3 'Structure model' 1 2 2011-07-13 
4 'Structure model' 1 3 2021-11-03 
# 
_pdbx_audit_revision_details.ordinal             1 
_pdbx_audit_revision_details.revision_ordinal    1 
_pdbx_audit_revision_details.data_content_type   'Structure model' 
_pdbx_audit_revision_details.provider            repository 
_pdbx_audit_revision_details.type                'Initial release' 
_pdbx_audit_revision_details.description         ? 
_pdbx_audit_revision_details.details             ? 
# 
loop_
_pdbx_audit_revision_group.ordinal 
_pdbx_audit_revision_group.revision_ordinal 
_pdbx_audit_revision_group.data_content_type 
_pdbx_audit_revision_group.group 
1  2 'Structure model' 'Version format compliance' 
2  3 'Structure model' 'Atomic model'              
3  3 'Structure model' 'Database references'       
4  3 'Structure model' 'Derived calculations'      
5  3 'Structure model' 'Non-polymer description'   
6  3 'Structure model' 'Structure summary'         
7  3 'Structure model' 'Version format compliance' 
8  4 'Structure model' Advisory                    
9  4 'Structure model' 'Database references'       
10 4 'Structure model' 'Derived calculations'      
11 4 'Structure model' Other                       
# 
loop_
_pdbx_audit_revision_category.ordinal 
_pdbx_audit_revision_category.revision_ordinal 
_pdbx_audit_revision_category.data_content_type 
_pdbx_audit_revision_category.category 
1 4 'Structure model' database_2                   
2 4 'Structure model' pdbx_database_status         
3 4 'Structure model' pdbx_unobs_or_zero_occ_atoms 
4 4 'Structure model' struct_conn                  
5 4 'Structure model' struct_ref_seq_dif           
# 
loop_
_pdbx_audit_revision_item.ordinal 
_pdbx_audit_revision_item.revision_ordinal 
_pdbx_audit_revision_item.data_content_type 
_pdbx_audit_revision_item.item 
1  4 'Structure model' '_database_2.pdbx_DOI'                
2  4 'Structure model' '_database_2.pdbx_database_accession' 
3  4 'Structure model' '_pdbx_database_status.process_site'  
4  4 'Structure model' '_struct_conn.pdbx_leaving_atom_flag' 
5  4 'Structure model' '_struct_conn.ptnr1_auth_comp_id'     
6  4 'Structure model' '_struct_conn.ptnr1_auth_seq_id'      
7  4 'Structure model' '_struct_conn.ptnr1_label_atom_id'    
8  4 'Structure model' '_struct_conn.ptnr1_label_comp_id'    
9  4 'Structure model' '_struct_conn.ptnr1_label_seq_id'     
10 4 'Structure model' '_struct_conn.ptnr2_auth_comp_id'     
11 4 'Structure model' '_struct_conn.ptnr2_auth_seq_id'      
12 4 'Structure model' '_struct_conn.ptnr2_label_atom_id'    
13 4 'Structure model' '_struct_conn.ptnr2_label_comp_id'    
14 4 'Structure model' '_struct_conn.ptnr2_label_seq_id'     
15 4 'Structure model' '_struct_ref_seq_dif.details'         
# 
loop_
_software.name 
_software.classification 
_software.version 
_software.citation_id 
_software.pdbx_ordinal 
X-PLOR 'model building' . ? 1 
X-PLOR refinement       . ? 2 
DENZO  'data reduction' . ? 3 
X-PLOR phasing          . ? 4 
# 
loop_
_pdbx_validate_symm_contact.id 
_pdbx_validate_symm_contact.PDB_model_num 
_pdbx_validate_symm_contact.auth_atom_id_1 
_pdbx_validate_symm_contact.auth_asym_id_1 
_pdbx_validate_symm_contact.auth_comp_id_1 
_pdbx_validate_symm_contact.auth_seq_id_1 
_pdbx_validate_symm_contact.PDB_ins_code_1 
_pdbx_validate_symm_contact.label_alt_id_1 
_pdbx_validate_symm_contact.site_symmetry_1 
_pdbx_validate_symm_contact.auth_atom_id_2 
_pdbx_validate_symm_contact.auth_asym_id_2 
_pdbx_validate_symm_contact.auth_comp_id_2 
_pdbx_validate_symm_contact.auth_seq_id_2 
_pdbx_validate_symm_contact.PDB_ins_code_2 
_pdbx_validate_symm_contact.label_alt_id_2 
_pdbx_validate_symm_contact.site_symmetry_2 
_pdbx_validate_symm_contact.dist 
1 1 NZ  A LYS 7  ? ? 1_555 OE2 A GLU 21 ? ? 4_565 1.90 
2 1 CD2 A HIS 41 ? ? 1_555 OE1 A GLU 65 ? ? 7_444 1.95 
# 
loop_
_pdbx_validate_rmsd_bond.id 
_pdbx_validate_rmsd_bond.PDB_model_num 
_pdbx_validate_rmsd_bond.auth_atom_id_1 
_pdbx_validate_rmsd_bond.auth_asym_id_1 
_pdbx_validate_rmsd_bond.auth_comp_id_1 
_pdbx_validate_rmsd_bond.auth_seq_id_1 
_pdbx_validate_rmsd_bond.PDB_ins_code_1 
_pdbx_validate_rmsd_bond.label_alt_id_1 
_pdbx_validate_rmsd_bond.auth_atom_id_2 
_pdbx_validate_rmsd_bond.auth_asym_id_2 
_pdbx_validate_rmsd_bond.auth_comp_id_2 
_pdbx_validate_rmsd_bond.auth_seq_id_2 
_pdbx_validate_rmsd_bond.PDB_ins_code_2 
_pdbx_validate_rmsd_bond.label_alt_id_2 
_pdbx_validate_rmsd_bond.bond_value 
_pdbx_validate_rmsd_bond.bond_target_value 
_pdbx_validate_rmsd_bond.bond_deviation 
_pdbx_validate_rmsd_bond.bond_standard_deviation 
_pdbx_validate_rmsd_bond.linker_flag 
1 1 NE2 A HIS 14 ? ? CD2 A HIS 14 ? ? 1.299 1.373 -0.074 0.011 N 
2 1 NE2 A HIS 41 ? ? CD2 A HIS 41 ? ? 1.301 1.373 -0.072 0.011 N 
# 
loop_
_pdbx_validate_rmsd_angle.id 
_pdbx_validate_rmsd_angle.PDB_model_num 
_pdbx_validate_rmsd_angle.auth_atom_id_1 
_pdbx_validate_rmsd_angle.auth_asym_id_1 
_pdbx_validate_rmsd_angle.auth_comp_id_1 
_pdbx_validate_rmsd_angle.auth_seq_id_1 
_pdbx_validate_rmsd_angle.PDB_ins_code_1 
_pdbx_validate_rmsd_angle.label_alt_id_1 
_pdbx_validate_rmsd_angle.auth_atom_id_2 
_pdbx_validate_rmsd_angle.auth_asym_id_2 
_pdbx_validate_rmsd_angle.auth_comp_id_2 
_pdbx_validate_rmsd_angle.auth_seq_id_2 
_pdbx_validate_rmsd_angle.PDB_ins_code_2 
_pdbx_validate_rmsd_angle.label_alt_id_2 
_pdbx_validate_rmsd_angle.auth_atom_id_3 
_pdbx_validate_rmsd_angle.auth_asym_id_3 
_pdbx_validate_rmsd_angle.auth_comp_id_3 
_pdbx_validate_rmsd_angle.auth_seq_id_3 
_pdbx_validate_rmsd_angle.PDB_ins_code_3 
_pdbx_validate_rmsd_angle.label_alt_id_3 
_pdbx_validate_rmsd_angle.angle_value 
_pdbx_validate_rmsd_angle.angle_target_value 
_pdbx_validate_rmsd_angle.angle_deviation 
_pdbx_validate_rmsd_angle.angle_standard_deviation 
_pdbx_validate_rmsd_angle.linker_flag 
1 1 CD1 A TRP 6  ? ? CG  A TRP 6  ? ? CD2 A TRP 6  ? ? 113.40 106.30 7.10   0.80 N 
2 1 CE2 A TRP 6  ? ? CD2 A TRP 6  ? ? CG  A TRP 6  ? ? 100.88 107.30 -6.42  0.80 N 
3 1 NE  A ARG 70 ? ? CZ  A ARG 70 ? ? NH2 A ARG 70 ? ? 117.24 120.30 -3.06  0.50 N 
4 1 CA  A MET 95 ? ? CB  A MET 95 ? ? CG  A MET 95 ? ? 100.77 113.30 -12.53 1.70 N 
# 
loop_
_pdbx_validate_torsion.id 
_pdbx_validate_torsion.PDB_model_num 
_pdbx_validate_torsion.auth_comp_id 
_pdbx_validate_torsion.auth_asym_id 
_pdbx_validate_torsion.auth_seq_id 
_pdbx_validate_torsion.PDB_ins_code 
_pdbx_validate_torsion.label_alt_id 
_pdbx_validate_torsion.phi 
_pdbx_validate_torsion.psi 
1 1 LEU A 5   ? ? -95.52  36.50   
2 1 ALA I 106 ? ? -171.90 -169.95 
3 1 NLE I 107 ? ? -152.13 -43.37  
# 
loop_
_pdbx_unobs_or_zero_occ_atoms.id 
_pdbx_unobs_or_zero_occ_atoms.PDB_model_num 
_pdbx_unobs_or_zero_occ_atoms.polymer_flag 
_pdbx_unobs_or_zero_occ_atoms.occupancy_flag 
_pdbx_unobs_or_zero_occ_atoms.auth_asym_id 
_pdbx_unobs_or_zero_occ_atoms.auth_comp_id 
_pdbx_unobs_or_zero_occ_atoms.auth_seq_id 
_pdbx_unobs_or_zero_occ_atoms.PDB_ins_code 
_pdbx_unobs_or_zero_occ_atoms.auth_atom_id 
_pdbx_unobs_or_zero_occ_atoms.label_alt_id 
_pdbx_unobs_or_zero_occ_atoms.label_asym_id 
_pdbx_unobs_or_zero_occ_atoms.label_comp_id 
_pdbx_unobs_or_zero_occ_atoms.label_seq_id 
_pdbx_unobs_or_zero_occ_atoms.label_atom_id 
1 1 Y 1 A GLU 37  ? CG  ? A GLU 37 CG  
2 1 Y 1 A GLU 37  ? CD  ? A GLU 37 CD  
3 1 Y 1 A GLU 37  ? OE1 ? A GLU 37 OE1 
4 1 Y 1 A GLU 37  ? OE2 ? A GLU 37 OE2 
5 1 Y 1 I NLE 107 ? CG  ? B NLE 4  CG  
6 1 Y 1 I NLE 107 ? CD  ? B NLE 4  CD  
7 1 Y 1 I NLE 107 ? CE  ? B NLE 4  CE  
# 
_pdbx_entity_nonpoly.entity_id   3 
_pdbx_entity_nonpoly.name        water 
_pdbx_entity_nonpoly.comp_id     HOH 
# 
